data_5QSY
#
_entry.id   5QSY
#
_cell.length_a   155.250
_cell.length_b   167.799
_cell.length_c   47.652
_cell.angle_alpha   90.000
_cell.angle_beta   90.000
_cell.angle_gamma   90.000
#
_symmetry.space_group_name_H-M   'P 21 21 2'
#
loop_
_entity.id
_entity.type
_entity.pdbx_description
1 polymer 'Cohesin subunit SA-1'
2 non-polymer N-ethyl-1H-1,2,3-triazole-4-carboxamide
3 water water
#
_entity_poly.entity_id   1
_entity_poly.type   'polypeptide(L)'
_entity_poly.pdbx_seq_one_letter_code
;SMSPNGNLIRMLVLFFLESELHEHAAYLVDSLWESSQELLKDWECMTELLLEEPVQGEEAMSDRQESALIELMVCTIRQA
AEAHPPVGRGTGKRVLTAKERKTQIDDRNKLTEHFIITLPMLLSKYSADAEKVANLLQIPQYFDLEIYSTGRMEKHLDAL
LKQIKFVVEKHVESDVLEACSKTYSILCSEEYTIQNRVDIARSQLIDEFVDRFNHSVEDLLQEGEEADDDDIYNVLSTLK
RLTSFHNAHDLTKWDLFGNCYRLLKTGIEHGAMPEQIVVQALQCSHYSILWQLVKITDGSPSKEDLLVLRKTVKSFLAVC
QQCLSNVNTPVKEQAFMLLCDLLMIFSHQLMTGGREGLQPLVFNPDTGLQSELLSFVMDHVFIDQDEENQSMEGDEEDEA
NKIEALHKRRNLLAAFSKLIIYDIVDMHAAADIFKHYMKYYNDYGDIIKETLSKTRQID
;
_entity_poly.pdbx_strand_id   A,B
#
# COMPACT_ATOMS: atom_id res chain seq x y z
N MET A 2 -4.56 -45.54 15.95
CA MET A 2 -3.94 -44.55 16.89
C MET A 2 -2.41 -44.78 17.08
N SER A 3 -1.98 -45.45 18.17
CA SER A 3 -0.68 -46.16 18.17
C SER A 3 -0.69 -47.28 17.08
N PRO A 4 -1.87 -47.88 16.71
CA PRO A 4 -1.92 -48.74 15.50
C PRO A 4 -1.40 -48.09 14.21
N ASN A 5 -2.01 -46.97 13.80
CA ASN A 5 -1.51 -46.24 12.64
C ASN A 5 -0.09 -45.77 12.85
N GLY A 6 0.33 -45.46 14.06
CA GLY A 6 1.75 -45.17 14.32
C GLY A 6 2.76 -46.25 13.91
N ASN A 7 2.38 -47.50 14.13
CA ASN A 7 3.23 -48.63 13.79
C ASN A 7 3.29 -48.75 12.26
N LEU A 8 2.15 -48.70 11.59
CA LEU A 8 2.14 -48.76 10.16
C LEU A 8 3.02 -47.64 9.53
N ILE A 9 2.98 -46.46 10.12
CA ILE A 9 3.77 -45.34 9.66
C ILE A 9 5.27 -45.53 9.96
N ARG A 10 5.62 -45.94 11.19
CA ARG A 10 7.02 -46.24 11.53
C ARG A 10 7.64 -47.26 10.59
N MET A 11 6.83 -48.22 10.14
CA MET A 11 7.31 -49.30 9.27
C MET A 11 7.35 -48.81 7.82
N LEU A 12 6.33 -48.07 7.42
CA LEU A 12 6.35 -47.38 6.13
C LEU A 12 7.63 -46.60 5.98
N VAL A 13 8.02 -45.88 7.02
CA VAL A 13 9.28 -45.13 7.00
C VAL A 13 10.50 -46.03 6.93
N LEU A 14 10.43 -47.20 7.56
CA LEU A 14 11.56 -48.15 7.52
C LEU A 14 11.65 -48.77 6.14
N PHE A 15 10.54 -49.23 5.58
CA PHE A 15 10.59 -49.79 4.24
C PHE A 15 11.18 -48.75 3.24
N PHE A 16 10.82 -47.48 3.43
CA PHE A 16 11.33 -46.40 2.57
C PHE A 16 12.85 -46.22 2.65
N LEU A 17 13.37 -46.10 3.86
CA LEU A 17 14.80 -45.94 4.06
C LEU A 17 15.62 -47.17 3.72
N GLU A 18 15.06 -48.35 3.93
CA GLU A 18 15.87 -49.55 3.98
C GLU A 18 15.99 -50.21 2.62
N SER A 19 14.92 -50.23 1.83
CA SER A 19 15.00 -50.79 0.47
C SER A 19 15.42 -49.77 -0.57
N GLU A 20 15.76 -50.27 -1.73
CA GLU A 20 16.06 -49.44 -2.87
C GLU A 20 14.93 -49.59 -3.87
N LEU A 21 13.72 -49.94 -3.39
CA LEU A 21 12.52 -50.17 -4.24
C LEU A 21 11.71 -48.91 -4.55
N HIS A 22 11.99 -47.85 -3.81
CA HIS A 22 11.47 -46.52 -4.06
C HIS A 22 12.57 -45.52 -3.68
N GLU A 23 13.11 -44.83 -4.68
CA GLU A 23 14.16 -43.81 -4.48
C GLU A 23 13.57 -42.49 -4.00
N HIS A 24 12.39 -42.19 -4.54
CA HIS A 24 11.63 -40.95 -4.27
C HIS A 24 10.40 -41.15 -3.38
N ALA A 25 10.43 -40.48 -2.23
CA ALA A 25 9.29 -40.38 -1.34
C ALA A 25 7.96 -40.08 -2.03
N ALA A 26 7.96 -39.19 -3.01
CA ALA A 26 6.74 -38.81 -3.68
C ALA A 26 6.15 -39.98 -4.46
N TYR A 27 7.02 -40.77 -5.09
CA TYR A 27 6.59 -41.92 -5.88
C TYR A 27 6.06 -43.08 -4.99
N LEU A 28 6.73 -43.31 -3.85
CA LEU A 28 6.24 -44.25 -2.83
C LEU A 28 4.83 -43.89 -2.41
N VAL A 29 4.64 -42.61 -2.08
CA VAL A 29 3.37 -42.10 -1.59
C VAL A 29 2.33 -42.22 -2.66
N ASP A 30 2.66 -41.80 -3.88
CA ASP A 30 1.71 -41.88 -4.99
C ASP A 30 1.21 -43.28 -5.26
N SER A 31 2.13 -44.24 -5.20
CA SER A 31 1.84 -45.62 -5.57
C SER A 31 1.00 -46.29 -4.53
N LEU A 32 1.17 -45.91 -3.27
CA LEU A 32 0.28 -46.36 -2.21
C LEU A 32 -1.04 -45.55 -2.06
N TRP A 33 -1.23 -44.50 -2.87
CA TRP A 33 -2.27 -43.53 -2.59
C TRP A 33 -3.66 -44.09 -2.78
N GLU A 34 -3.89 -44.78 -3.89
CA GLU A 34 -5.18 -45.44 -4.13
C GLU A 34 -5.56 -46.44 -3.02
N SER A 35 -4.60 -47.13 -2.44
CA SER A 35 -4.88 -48.21 -1.46
C SER A 35 -4.85 -47.76 -0.01
N SER A 36 -4.12 -46.69 0.28
CA SER A 36 -3.78 -46.35 1.66
C SER A 36 -3.94 -44.86 1.97
N GLN A 37 -4.92 -44.22 1.36
CA GLN A 37 -5.17 -42.79 1.55
C GLN A 37 -5.47 -42.50 3.05
N GLU A 38 -6.42 -43.26 3.63
CA GLU A 38 -6.80 -43.08 5.03
C GLU A 38 -5.56 -43.10 5.93
N LEU A 39 -4.69 -44.08 5.79
CA LEU A 39 -3.44 -44.10 6.60
C LEU A 39 -2.52 -42.91 6.29
N LEU A 40 -2.37 -42.65 4.99
CA LEU A 40 -1.48 -41.59 4.49
C LEU A 40 -2.00 -40.18 4.72
N LYS A 41 -3.22 -40.02 5.19
CA LYS A 41 -3.67 -38.71 5.61
C LYS A 41 -3.92 -38.61 7.13
N ASP A 42 -3.40 -39.54 7.91
CA ASP A 42 -3.46 -39.47 9.36
C ASP A 42 -2.33 -38.56 9.82
N TRP A 43 -2.49 -37.27 9.59
CA TRP A 43 -1.42 -36.31 9.90
C TRP A 43 -1.30 -36.12 11.38
N GLU A 44 -2.42 -36.30 12.10
CA GLU A 44 -2.40 -36.24 13.57
C GLU A 44 -1.45 -37.26 14.12
N CYS A 45 -1.48 -38.46 13.54
CA CYS A 45 -0.57 -39.54 13.94
C CYS A 45 0.91 -39.23 13.61
N MET A 46 1.15 -38.69 12.41
CA MET A 46 2.52 -38.28 12.03
C MET A 46 3.08 -37.17 12.94
N THR A 47 2.36 -36.09 13.17
CA THR A 47 2.89 -35.03 14.07
C THR A 47 3.08 -35.51 15.48
N GLU A 48 2.20 -36.43 15.93
CA GLU A 48 2.39 -37.11 17.21
C GLU A 48 3.68 -37.91 17.25
N LEU A 49 3.92 -38.72 16.23
CA LEU A 49 5.16 -39.42 16.15
C LEU A 49 6.34 -38.45 16.21
N LEU A 50 6.27 -37.33 15.46
CA LEU A 50 7.39 -36.38 15.36
C LEU A 50 7.61 -35.54 16.59
N LEU A 51 6.56 -35.32 17.38
CA LEU A 51 6.62 -34.41 18.53
C LEU A 51 6.56 -35.04 19.95
N GLU A 52 6.09 -36.28 20.07
CA GLU A 52 6.09 -36.98 21.37
C GLU A 52 7.48 -37.41 21.78
N GLU A 53 7.66 -37.50 23.11
CA GLU A 53 8.85 -38.08 23.75
C GLU A 53 8.51 -39.51 24.06
N PRO A 54 9.51 -40.43 24.00
CA PRO A 54 9.23 -41.87 23.91
C PRO A 54 8.98 -42.56 25.27
N VAL A 55 8.87 -43.89 25.25
CA VAL A 55 8.73 -44.73 26.45
C VAL A 55 9.94 -45.66 26.62
N GLU A 58 9.05 -49.50 24.60
CA GLU A 58 10.23 -48.63 24.61
C GLU A 58 10.51 -48.07 23.17
N GLU A 59 11.70 -47.49 22.95
CA GLU A 59 12.34 -47.26 21.59
C GLU A 59 11.97 -45.96 20.78
N ALA A 60 12.92 -45.01 20.68
CA ALA A 60 12.72 -43.70 20.01
C ALA A 60 13.20 -43.67 18.54
N MET A 61 12.67 -42.74 17.73
CA MET A 61 13.08 -42.62 16.31
C MET A 61 14.49 -42.05 16.22
N SER A 62 15.25 -42.47 15.20
CA SER A 62 16.57 -41.87 14.86
C SER A 62 16.44 -40.59 13.99
N ASP A 63 17.51 -39.78 13.96
CA ASP A 63 17.56 -38.59 13.08
C ASP A 63 17.21 -38.89 11.64
N ARG A 64 17.75 -39.98 11.11
CA ARG A 64 17.49 -40.33 9.72
C ARG A 64 16.00 -40.66 9.51
N GLN A 65 15.38 -41.30 10.49
CA GLN A 65 13.99 -41.76 10.33
C GLN A 65 13.03 -40.61 10.55
N GLU A 66 13.38 -39.73 11.48
CA GLU A 66 12.68 -38.48 11.64
C GLU A 66 12.66 -37.69 10.34
N SER A 67 13.83 -37.48 9.74
CA SER A 67 13.89 -36.79 8.42
C SER A 67 12.97 -37.38 7.36
N ALA A 68 12.88 -38.69 7.35
CA ALA A 68 12.19 -39.42 6.29
C ALA A 68 10.73 -39.36 6.53
N LEU A 69 10.36 -39.40 7.80
CA LEU A 69 8.95 -39.21 8.17
C LEU A 69 8.48 -37.80 7.78
N ILE A 70 9.28 -36.78 8.13
CA ILE A 70 8.95 -35.42 7.67
C ILE A 70 8.82 -35.36 6.17
N GLU A 71 9.73 -36.00 5.44
CA GLU A 71 9.66 -35.93 3.97
C GLU A 71 8.42 -36.63 3.41
N LEU A 72 8.06 -37.78 3.99
CA LEU A 72 6.87 -38.50 3.52
C LEU A 72 5.59 -37.75 3.85
N MET A 73 5.54 -37.19 5.05
CA MET A 73 4.41 -36.36 5.53
C MET A 73 4.12 -35.25 4.53
N VAL A 74 5.15 -34.52 4.16
CA VAL A 74 4.98 -33.43 3.18
C VAL A 74 4.45 -33.90 1.83
N CYS A 75 4.91 -35.05 1.35
CA CYS A 75 4.38 -35.61 0.10
C CYS A 75 2.90 -35.95 0.23
N THR A 76 2.51 -36.52 1.37
CA THR A 76 1.07 -36.77 1.62
C THR A 76 0.24 -35.49 1.63
N ILE A 77 0.80 -34.44 2.25
CA ILE A 77 0.15 -33.13 2.24
C ILE A 77 -0.05 -32.59 0.82
N ARG A 78 1.02 -32.59 0.03
CA ARG A 78 0.91 -32.22 -1.38
C ARG A 78 -0.16 -33.05 -2.08
N GLN A 79 -0.05 -34.37 -2.00
CA GLN A 79 -0.89 -35.19 -2.83
C GLN A 79 -2.32 -34.96 -2.43
N ALA A 80 -2.56 -34.82 -1.13
CA ALA A 80 -3.93 -34.58 -0.67
C ALA A 80 -4.50 -33.24 -1.20
N ALA A 81 -3.71 -32.17 -1.08
CA ALA A 81 -4.12 -30.83 -1.50
C ALA A 81 -4.34 -30.71 -3.00
N GLU A 82 -3.46 -31.32 -3.79
CA GLU A 82 -3.52 -31.20 -5.27
C GLU A 82 -4.41 -32.24 -5.91
N ALA A 83 -4.65 -33.35 -5.21
CA ALA A 83 -5.51 -34.42 -5.70
C ALA A 83 -5.13 -34.92 -7.08
N HIS A 84 -3.83 -34.98 -7.32
CA HIS A 84 -3.31 -35.59 -8.51
C HIS A 84 -1.93 -36.19 -8.18
N PRO A 85 -1.47 -37.15 -9.00
CA PRO A 85 -0.13 -37.72 -8.79
C PRO A 85 0.96 -36.67 -8.97
N PRO A 86 2.17 -36.95 -8.47
CA PRO A 86 3.23 -35.94 -8.46
C PRO A 86 3.84 -35.72 -9.84
N VAL A 87 4.75 -34.75 -9.90
CA VAL A 87 5.37 -34.35 -11.15
C VAL A 87 6.10 -35.56 -11.71
N GLY A 88 5.77 -35.93 -12.94
CA GLY A 88 6.32 -37.13 -13.56
C GLY A 88 5.62 -38.46 -13.29
N ARG A 89 4.45 -38.46 -12.66
CA ARG A 89 3.57 -39.65 -12.60
C ARG A 89 2.15 -39.34 -13.07
N GLY A 90 1.92 -38.19 -13.71
CA GLY A 90 0.56 -37.78 -14.09
C GLY A 90 0.00 -38.55 -15.29
N THR A 91 -1.07 -38.01 -15.88
CA THR A 91 -1.50 -38.37 -17.24
C THR A 91 -2.17 -37.13 -17.88
N ARG A 94 -7.10 -35.96 -15.94
CA ARG A 94 -6.98 -35.54 -14.56
C ARG A 94 -8.28 -34.87 -14.03
N VAL A 95 -9.47 -35.29 -14.56
CA VAL A 95 -10.83 -34.77 -14.17
C VAL A 95 -11.51 -35.46 -12.95
N LEU A 96 -11.86 -34.70 -11.91
CA LEU A 96 -12.33 -35.27 -10.65
C LEU A 96 -13.83 -35.50 -10.57
N THR A 97 -14.24 -36.61 -9.94
CA THR A 97 -15.64 -36.87 -9.60
C THR A 97 -16.08 -35.91 -8.47
N ALA A 98 -17.39 -35.90 -8.19
CA ALA A 98 -17.97 -35.13 -7.07
C ALA A 98 -17.36 -35.49 -5.74
N LYS A 99 -17.25 -36.79 -5.48
CA LYS A 99 -16.64 -37.30 -4.24
C LYS A 99 -15.13 -37.01 -4.11
N GLU A 100 -14.36 -37.13 -5.20
CA GLU A 100 -12.92 -36.73 -5.19
C GLU A 100 -12.78 -35.22 -4.88
N ARG A 101 -13.60 -34.40 -5.54
CA ARG A 101 -13.62 -32.96 -5.27
C ARG A 101 -13.98 -32.64 -3.80
N LYS A 102 -15.04 -33.29 -3.28
CA LYS A 102 -15.40 -33.13 -1.86
C LYS A 102 -14.30 -33.62 -0.92
N THR A 103 -13.60 -34.71 -1.28
CA THR A 103 -12.50 -35.22 -0.45
C THR A 103 -11.37 -34.23 -0.40
N GLN A 104 -11.03 -33.62 -1.55
CA GLN A 104 -9.99 -32.59 -1.66
C GLN A 104 -10.25 -31.39 -0.76
N ILE A 105 -11.46 -30.85 -0.84
CA ILE A 105 -11.87 -29.71 -0.02
C ILE A 105 -11.75 -30.04 1.45
N ASP A 106 -12.31 -31.19 1.85
CA ASP A 106 -12.23 -31.65 3.26
C ASP A 106 -10.79 -31.87 3.72
N ASP A 107 -9.96 -32.47 2.86
CA ASP A 107 -8.55 -32.75 3.15
C ASP A 107 -7.82 -31.46 3.36
N ARG A 108 -7.99 -30.50 2.45
CA ARG A 108 -7.39 -29.17 2.61
C ARG A 108 -7.79 -28.50 3.89
N ASN A 109 -9.08 -28.59 4.23
CA ASN A 109 -9.52 -28.12 5.53
C ASN A 109 -8.81 -28.81 6.71
N LYS A 110 -8.75 -30.14 6.70
CA LYS A 110 -8.10 -30.87 7.80
C LYS A 110 -6.65 -30.52 7.95
N LEU A 111 -5.93 -30.49 6.84
CA LEU A 111 -4.49 -30.27 6.90
C LEU A 111 -4.14 -28.84 7.24
N THR A 112 -4.97 -27.91 6.79
CA THR A 112 -4.73 -26.51 7.12
C THR A 112 -4.91 -26.28 8.60
N GLU A 113 -6.03 -26.73 9.15
CA GLU A 113 -6.22 -26.62 10.59
C GLU A 113 -5.13 -27.32 11.36
N HIS A 114 -4.74 -28.53 10.90
CA HIS A 114 -3.85 -29.31 11.71
C HIS A 114 -2.46 -28.66 11.76
N PHE A 115 -2.05 -28.13 10.62
CA PHE A 115 -0.69 -27.72 10.48
C PHE A 115 -0.51 -26.27 10.84
N ILE A 116 -1.56 -25.47 10.81
CA ILE A 116 -1.49 -24.12 11.41
C ILE A 116 -1.11 -24.23 12.87
N ILE A 117 -1.81 -25.12 13.59
CA ILE A 117 -1.49 -25.43 14.98
C ILE A 117 -0.14 -26.12 15.09
N THR A 118 0.08 -27.22 14.38
CA THR A 118 1.31 -28.01 14.62
C THR A 118 2.60 -27.59 13.93
N LEU A 119 2.57 -26.89 12.81
CA LEU A 119 3.84 -26.49 12.15
C LEU A 119 4.79 -25.62 13.01
N PRO A 120 4.22 -24.68 13.78
CA PRO A 120 5.12 -23.94 14.70
C PRO A 120 5.81 -24.82 15.75
N MET A 121 5.10 -25.84 16.20
CA MET A 121 5.64 -26.83 17.17
C MET A 121 6.75 -27.66 16.53
N LEU A 122 6.46 -28.16 15.32
CA LEU A 122 7.45 -28.85 14.48
C LEU A 122 8.70 -28.01 14.21
N LEU A 123 8.53 -26.76 13.81
CA LEU A 123 9.68 -25.89 13.54
C LEU A 123 10.51 -25.64 14.81
N SER A 124 9.84 -25.41 15.92
CA SER A 124 10.50 -25.17 17.19
C SER A 124 11.43 -26.36 17.55
N LYS A 125 10.87 -27.57 17.50
CA LYS A 125 11.55 -28.77 17.92
C LYS A 125 12.76 -29.01 17.06
N TYR A 126 12.58 -28.91 15.74
CA TYR A 126 13.61 -29.26 14.77
C TYR A 126 14.37 -28.06 14.19
N SER A 127 14.28 -26.91 14.87
CA SER A 127 14.75 -25.62 14.35
C SER A 127 16.21 -25.59 13.85
N ALA A 128 17.10 -26.38 14.45
CA ALA A 128 18.54 -26.32 14.08
C ALA A 128 18.91 -27.24 12.89
N ASP A 129 17.98 -28.09 12.50
CA ASP A 129 18.20 -29.04 11.45
C ASP A 129 17.78 -28.39 10.16
N ALA A 130 18.78 -27.92 9.44
CA ALA A 130 18.58 -27.27 8.11
C ALA A 130 17.71 -28.00 7.10
N GLU A 131 17.91 -29.29 6.93
CA GLU A 131 17.22 -30.07 5.87
C GLU A 131 15.79 -30.23 6.29
N LYS A 132 15.55 -30.52 7.56
CA LYS A 132 14.21 -30.71 8.07
C LYS A 132 13.36 -29.45 8.03
N VAL A 133 13.94 -28.33 8.46
CA VAL A 133 13.25 -27.05 8.47
C VAL A 133 12.92 -26.62 7.04
N ALA A 134 13.78 -26.92 6.09
CA ALA A 134 13.44 -26.61 4.71
C ALA A 134 12.28 -27.46 4.20
N ASN A 135 12.16 -28.68 4.69
CA ASN A 135 11.04 -29.54 4.33
C ASN A 135 9.75 -29.07 4.95
N LEU A 136 9.80 -28.80 6.25
CA LEU A 136 8.64 -28.36 6.96
C LEU A 136 8.08 -27.07 6.29
N LEU A 137 8.99 -26.13 5.94
CA LEU A 137 8.57 -24.89 5.24
C LEU A 137 7.99 -25.05 3.81
N GLN A 138 7.86 -26.28 3.30
CA GLN A 138 7.05 -26.54 2.09
C GLN A 138 5.58 -26.72 2.41
N ILE A 139 5.21 -26.70 3.70
CA ILE A 139 3.82 -26.95 4.07
C ILE A 139 2.87 -25.77 3.83
N PRO A 140 3.25 -24.55 4.20
CA PRO A 140 2.28 -23.46 4.12
C PRO A 140 1.68 -23.21 2.76
N GLN A 141 2.43 -23.52 1.71
CA GLN A 141 1.93 -23.41 0.35
C GLN A 141 0.63 -24.18 0.13
N TYR A 142 0.35 -25.23 0.91
CA TYR A 142 -0.89 -26.02 0.70
C TYR A 142 -2.06 -25.53 1.57
N PHE A 143 -1.78 -24.60 2.51
CA PHE A 143 -2.79 -23.98 3.37
C PHE A 143 -3.86 -23.22 2.62
N ASP A 144 -5.10 -23.49 2.99
CA ASP A 144 -6.24 -22.60 2.79
C ASP A 144 -6.04 -21.45 3.78
N LEU A 145 -5.27 -20.45 3.36
CA LEU A 145 -4.88 -19.31 4.20
C LEU A 145 -6.00 -18.48 4.82
N GLU A 146 -7.21 -18.53 4.26
CA GLU A 146 -8.37 -17.81 4.84
C GLU A 146 -8.64 -18.33 6.25
N ILE A 147 -8.29 -19.59 6.49
CA ILE A 147 -8.49 -20.17 7.80
C ILE A 147 -7.74 -19.42 8.90
N TYR A 148 -6.64 -18.71 8.61
CA TYR A 148 -5.95 -17.94 9.68
C TYR A 148 -6.84 -16.83 10.31
N SER A 149 -7.81 -16.31 9.56
CA SER A 149 -8.83 -15.36 10.07
C SER A 149 -10.04 -16.07 10.66
N THR A 150 -10.62 -16.95 9.86
CA THR A 150 -11.82 -17.74 10.17
C THR A 150 -11.79 -18.49 11.52
N GLY A 151 -10.66 -19.11 11.88
CA GLY A 151 -10.57 -19.90 13.11
C GLY A 151 -10.19 -19.12 14.36
N ARG A 152 -10.16 -17.78 14.25
CA ARG A 152 -9.70 -16.88 15.33
C ARG A 152 -8.34 -17.41 15.74
N MET A 153 -7.57 -17.69 14.68
CA MET A 153 -6.35 -18.51 14.70
C MET A 153 -5.13 -17.61 14.63
N GLU A 154 -5.33 -16.33 14.88
CA GLU A 154 -4.27 -15.34 14.89
C GLU A 154 -3.11 -15.73 15.78
N LYS A 155 -3.36 -16.37 16.91
CA LYS A 155 -2.27 -16.73 17.82
C LYS A 155 -1.28 -17.65 17.10
N HIS A 156 -1.79 -18.52 16.21
CA HIS A 156 -0.92 -19.47 15.49
C HIS A 156 -0.16 -18.90 14.31
N LEU A 157 -0.71 -17.88 13.66
CA LEU A 157 0.03 -17.13 12.65
C LEU A 157 1.24 -16.51 13.31
N ASP A 158 1.01 -15.86 14.45
CA ASP A 158 2.12 -15.28 15.21
C ASP A 158 3.18 -16.30 15.54
N ALA A 159 2.75 -17.50 15.91
CA ALA A 159 3.70 -18.54 16.29
C ALA A 159 4.57 -18.96 15.08
N LEU A 160 3.94 -19.15 13.93
CA LEU A 160 4.74 -19.46 12.73
C LEU A 160 5.76 -18.38 12.45
N LEU A 161 5.38 -17.11 12.61
CA LEU A 161 6.28 -15.98 12.30
C LEU A 161 7.44 -15.89 13.29
N LYS A 162 7.17 -16.21 14.55
CA LYS A 162 8.17 -16.28 15.60
C LYS A 162 9.15 -17.31 15.13
N GLN A 163 8.63 -18.48 14.72
CA GLN A 163 9.49 -19.62 14.41
C GLN A 163 10.26 -19.44 13.12
N ILE A 164 9.65 -18.81 12.12
CA ILE A 164 10.40 -18.44 10.91
C ILE A 164 11.53 -17.45 11.22
N LYS A 165 11.25 -16.47 12.05
CA LYS A 165 12.25 -15.51 12.45
C LYS A 165 13.41 -16.20 13.17
N PHE A 166 13.13 -17.17 14.05
CA PHE A 166 14.22 -17.91 14.75
C PHE A 166 15.07 -18.67 13.74
N VAL A 167 14.42 -19.25 12.73
CA VAL A 167 15.13 -20.01 11.70
C VAL A 167 16.05 -19.12 10.91
N VAL A 168 15.55 -17.97 10.46
CA VAL A 168 16.39 -17.07 9.63
C VAL A 168 17.58 -16.58 10.45
N GLU A 169 17.33 -16.33 11.74
CA GLU A 169 18.35 -15.87 12.66
C GLU A 169 19.43 -16.91 12.96
N LYS A 170 19.10 -18.20 12.87
CA LYS A 170 20.05 -19.24 13.24
C LYS A 170 20.79 -19.83 12.08
N HIS A 171 20.24 -19.70 10.86
CA HIS A 171 20.75 -20.41 9.68
C HIS A 171 21.22 -19.54 8.51
N VAL A 172 22.27 -20.02 7.83
CA VAL A 172 22.80 -19.39 6.63
C VAL A 172 22.73 -20.27 5.37
N GLU A 173 22.14 -21.46 5.47
CA GLU A 173 22.11 -22.36 4.31
C GLU A 173 21.14 -21.75 3.32
N SER A 174 21.42 -21.89 2.04
CA SER A 174 20.63 -21.18 1.06
C SER A 174 19.26 -21.83 0.87
N ASP A 175 19.15 -23.14 1.05
CA ASP A 175 17.84 -23.83 1.02
C ASP A 175 16.86 -23.34 2.10
N VAL A 176 17.41 -23.12 3.30
CA VAL A 176 16.63 -22.71 4.47
C VAL A 176 16.09 -21.32 4.24
N LEU A 177 17.03 -20.40 4.00
CA LEU A 177 16.70 -19.00 3.74
C LEU A 177 15.69 -18.85 2.59
N GLU A 178 15.93 -19.56 1.51
CA GLU A 178 14.99 -19.54 0.40
C GLU A 178 13.60 -20.01 0.83
N ALA A 179 13.56 -21.08 1.62
CA ALA A 179 12.27 -21.59 2.10
C ALA A 179 11.56 -20.56 3.00
N CYS A 180 12.36 -19.92 3.88
CA CYS A 180 11.85 -18.80 4.68
C CYS A 180 11.28 -17.67 3.83
N SER A 181 12.04 -17.24 2.85
CA SER A 181 11.62 -16.18 1.95
C SER A 181 10.31 -16.48 1.28
N LYS A 182 10.24 -17.67 0.68
CA LYS A 182 8.99 -18.17 0.06
C LYS A 182 7.78 -18.26 1.03
N THR A 183 8.02 -18.58 2.30
CA THR A 183 6.93 -18.69 3.25
C THR A 183 6.35 -17.32 3.58
N TYR A 184 7.21 -16.33 3.84
CA TYR A 184 6.68 -14.95 3.96
C TYR A 184 5.84 -14.54 2.76
N SER A 185 6.33 -14.85 1.54
CA SER A 185 5.58 -14.58 0.30
C SER A 185 4.16 -15.09 0.33
N ILE A 186 4.03 -16.37 0.65
CA ILE A 186 2.71 -17.05 0.69
C ILE A 186 1.82 -16.43 1.75
N LEU A 187 2.38 -16.15 2.92
CA LEU A 187 1.61 -15.59 4.01
C LEU A 187 1.04 -14.23 3.66
N CYS A 188 1.86 -13.37 3.05
CA CYS A 188 1.42 -12.02 2.64
C CYS A 188 0.33 -12.01 1.59
N SER A 189 0.75 -12.12 0.34
CA SER A 189 -0.01 -11.54 -0.76
C SER A 189 -1.33 -12.26 -1.03
N GLU A 190 -1.58 -13.34 -0.30
CA GLU A 190 -2.65 -14.25 -0.65
C GLU A 190 -3.85 -14.27 0.33
N GLU A 191 -4.00 -13.21 1.13
CA GLU A 191 -5.23 -12.96 1.93
C GLU A 191 -5.11 -11.59 2.56
N TYR A 192 -6.05 -10.68 2.33
CA TYR A 192 -5.83 -9.29 2.80
C TYR A 192 -5.76 -9.21 4.31
N THR A 193 -6.64 -9.98 4.94
CA THR A 193 -6.83 -9.97 6.38
C THR A 193 -5.46 -10.01 7.09
N ILE A 194 -4.63 -11.01 6.72
CA ILE A 194 -3.35 -11.28 7.36
C ILE A 194 -2.14 -10.57 6.74
N GLN A 195 -2.31 -10.07 5.51
CA GLN A 195 -1.24 -9.32 4.81
C GLN A 195 -0.49 -8.32 5.72
N ASN A 196 -1.24 -7.45 6.41
CA ASN A 196 -0.68 -6.38 7.24
C ASN A 196 0.12 -6.92 8.43
N ARG A 197 -0.39 -7.97 9.05
CA ARG A 197 0.29 -8.60 10.17
C ARG A 197 1.62 -9.21 9.75
N VAL A 198 1.61 -9.91 8.61
CA VAL A 198 2.85 -10.51 8.10
C VAL A 198 3.84 -9.46 7.59
N ASP A 199 3.35 -8.45 6.85
CA ASP A 199 4.23 -7.36 6.38
C ASP A 199 5.01 -6.73 7.55
N ILE A 200 4.37 -6.54 8.70
CA ILE A 200 5.04 -5.98 9.89
C ILE A 200 6.20 -6.85 10.37
N ALA A 201 5.99 -8.16 10.45
CA ALA A 201 7.03 -9.09 10.93
C ALA A 201 8.19 -9.12 9.92
N ARG A 202 7.80 -9.21 8.65
CA ARG A 202 8.79 -9.27 7.58
C ARG A 202 9.73 -8.07 7.64
N SER A 203 9.18 -6.86 7.55
CA SER A 203 10.02 -5.67 7.53
C SER A 203 10.78 -5.42 8.85
N GLN A 204 10.25 -5.85 9.99
CA GLN A 204 11.06 -5.77 11.21
C GLN A 204 12.26 -6.68 11.03
N LEU A 205 12.01 -7.92 10.58
CA LEU A 205 13.09 -8.87 10.29
C LEU A 205 14.13 -8.29 9.32
N ILE A 206 13.67 -7.73 8.20
CA ILE A 206 14.59 -7.13 7.25
C ILE A 206 15.36 -5.95 7.86
N ASP A 207 14.65 -5.05 8.53
CA ASP A 207 15.30 -3.95 9.30
C ASP A 207 16.44 -4.42 10.18
N GLU A 208 16.19 -5.43 11.01
CA GLU A 208 17.26 -5.92 11.87
C GLU A 208 18.48 -6.40 11.09
N PHE A 209 18.25 -7.08 9.95
CA PHE A 209 19.38 -7.60 9.13
C PHE A 209 20.09 -6.55 8.30
N VAL A 210 19.32 -5.61 7.76
CA VAL A 210 19.94 -4.44 7.13
C VAL A 210 20.84 -3.62 8.11
N ASP A 211 20.39 -3.43 9.34
CA ASP A 211 21.23 -2.71 10.31
C ASP A 211 22.52 -3.46 10.57
N ARG A 212 22.44 -4.76 10.86
CA ARG A 212 23.63 -5.58 11.11
C ARG A 212 24.53 -5.66 9.90
N PHE A 213 23.93 -5.79 8.70
CA PHE A 213 24.73 -5.79 7.45
C PHE A 213 25.55 -4.49 7.29
N ASN A 214 24.85 -3.35 7.39
CA ASN A 214 25.48 -2.00 7.32
C ASN A 214 26.60 -1.78 8.33
N HIS A 215 26.38 -2.16 9.58
CA HIS A 215 27.43 -2.01 10.60
C HIS A 215 28.64 -2.86 10.23
N SER A 216 28.37 -4.04 9.70
CA SER A 216 29.44 -4.98 9.36
C SER A 216 30.15 -4.56 8.13
N VAL A 217 29.43 -4.01 7.15
CA VAL A 217 30.10 -3.47 5.97
C VAL A 217 31.09 -2.37 6.41
N GLU A 218 30.65 -1.49 7.31
CA GLU A 218 31.50 -0.44 7.80
C GLU A 218 32.68 -0.98 8.56
N ASP A 219 32.44 -1.92 9.46
CA ASP A 219 33.54 -2.59 10.15
C ASP A 219 34.60 -3.15 9.17
N LEU A 220 34.15 -3.92 8.18
CA LEU A 220 35.04 -4.56 7.24
C LEU A 220 35.85 -3.57 6.38
N LEU A 221 35.19 -2.55 5.82
CA LEU A 221 35.86 -1.57 4.94
C LEU A 221 36.78 -0.55 5.61
N GLN A 222 36.47 -0.16 6.85
CA GLN A 222 37.37 0.74 7.59
C GLN A 222 38.66 -0.04 7.94
N GLU A 223 38.50 -1.30 8.33
CA GLU A 223 39.61 -2.27 8.46
C GLU A 223 39.72 -3.04 7.14
N GLU A 226 44.49 -5.33 7.00
CA GLU A 226 44.00 -5.84 8.28
C GLU A 226 42.49 -6.00 8.22
N ALA A 227 41.99 -7.20 8.53
CA ALA A 227 40.56 -7.49 8.55
C ALA A 227 40.30 -8.87 9.13
N ASP A 228 39.33 -8.96 10.01
CA ASP A 228 39.15 -10.08 10.94
C ASP A 228 38.33 -11.21 10.29
N ASP A 229 38.51 -12.45 10.74
CA ASP A 229 37.53 -13.53 10.43
C ASP A 229 36.10 -13.16 10.88
N ASP A 230 35.97 -12.46 12.00
CA ASP A 230 34.65 -11.99 12.46
C ASP A 230 34.03 -10.96 11.53
N ASP A 231 34.86 -10.05 11.02
CA ASP A 231 34.40 -8.97 10.15
C ASP A 231 33.86 -9.59 8.86
N ILE A 232 34.67 -10.51 8.30
CA ILE A 232 34.26 -11.32 7.16
C ILE A 232 32.98 -12.10 7.41
N TYR A 233 32.91 -12.85 8.51
CA TYR A 233 31.70 -13.63 8.83
C TYR A 233 30.45 -12.75 8.95
N ASN A 234 30.57 -11.57 9.56
CA ASN A 234 29.39 -10.72 9.83
C ASN A 234 28.78 -10.16 8.53
N VAL A 235 29.66 -9.75 7.61
CA VAL A 235 29.25 -9.27 6.30
C VAL A 235 28.55 -10.41 5.51
N LEU A 236 29.26 -11.50 5.30
CA LEU A 236 28.74 -12.60 4.53
C LEU A 236 27.46 -13.17 5.10
N SER A 237 27.44 -13.42 6.41
CA SER A 237 26.30 -14.09 7.02
C SER A 237 25.04 -13.28 6.87
N THR A 238 25.13 -11.95 7.08
CA THR A 238 23.98 -11.05 6.95
C THR A 238 23.66 -10.84 5.51
N LEU A 239 24.69 -10.59 4.70
CA LEU A 239 24.47 -10.45 3.24
C LEU A 239 23.71 -11.67 2.66
N LYS A 240 23.95 -12.89 3.16
CA LYS A 240 23.23 -14.06 2.65
C LYS A 240 21.76 -13.97 2.89
N ARG A 241 21.35 -13.58 4.09
CA ARG A 241 19.92 -13.54 4.39
C ARG A 241 19.22 -12.58 3.45
N LEU A 242 19.86 -11.44 3.28
CA LEU A 242 19.28 -10.36 2.46
C LEU A 242 19.26 -10.69 1.00
N THR A 243 20.34 -11.29 0.50
CA THR A 243 20.36 -11.82 -0.86
C THR A 243 19.23 -12.84 -1.13
N SER A 244 18.99 -13.74 -0.20
CA SER A 244 17.88 -14.70 -0.35
C SER A 244 16.54 -14.00 -0.50
N PHE A 245 16.25 -13.09 0.42
CA PHE A 245 14.96 -12.43 0.42
C PHE A 245 14.79 -11.51 -0.76
N HIS A 246 15.90 -10.97 -1.30
CA HIS A 246 15.79 -9.92 -2.33
C HIS A 246 15.25 -10.42 -3.65
N ASN A 247 15.20 -11.74 -3.86
CA ASN A 247 14.58 -12.26 -5.07
C ASN A 247 13.06 -12.09 -5.04
N ALA A 248 12.37 -12.68 -4.08
CA ALA A 248 10.89 -12.57 -4.01
C ALA A 248 10.34 -11.28 -3.37
N HIS A 249 11.14 -10.65 -2.52
CA HIS A 249 10.72 -9.45 -1.82
C HIS A 249 11.46 -8.20 -2.35
N ASP A 250 10.69 -7.17 -2.69
CA ASP A 250 11.30 -5.90 -3.13
C ASP A 250 11.95 -5.16 -1.97
N LEU A 251 13.25 -5.33 -1.78
CA LEU A 251 13.96 -4.62 -0.71
C LEU A 251 14.71 -3.34 -1.13
N THR A 252 14.26 -2.70 -2.21
CA THR A 252 14.87 -1.45 -2.69
C THR A 252 14.73 -0.28 -1.72
N LYS A 253 13.67 -0.23 -0.92
CA LYS A 253 13.53 0.80 0.15
C LYS A 253 14.82 0.95 0.97
N TRP A 254 15.47 -0.16 1.26
CA TRP A 254 16.80 -0.16 1.88
C TRP A 254 17.79 -0.06 0.71
N ASP A 255 18.81 0.76 0.78
CA ASP A 255 19.62 0.98 -0.42
C ASP A 255 20.74 -0.06 -0.33
N LEU A 256 20.43 -1.31 -0.64
CA LEU A 256 21.46 -2.35 -0.51
C LEU A 256 22.47 -2.33 -1.66
N PHE A 257 22.04 -1.91 -2.85
CA PHE A 257 22.98 -1.77 -3.96
C PHE A 257 24.27 -0.99 -3.56
N GLY A 258 24.12 0.09 -2.80
CA GLY A 258 25.26 0.95 -2.48
C GLY A 258 26.37 0.26 -1.72
N ASN A 259 26.02 -0.47 -0.65
CA ASN A 259 27.03 -1.21 0.15
C ASN A 259 27.56 -2.44 -0.59
N CYS A 260 26.70 -3.13 -1.31
CA CYS A 260 27.17 -4.22 -2.15
C CYS A 260 28.19 -3.67 -3.11
N TYR A 261 27.91 -2.49 -3.70
CA TYR A 261 28.81 -1.87 -4.67
C TYR A 261 30.21 -1.60 -4.08
N ARG A 262 30.26 -1.12 -2.84
CA ARG A 262 31.54 -0.77 -2.19
C ARG A 262 32.38 -2.00 -1.95
N LEU A 263 31.68 -3.07 -1.52
CA LEU A 263 32.29 -4.38 -1.27
C LEU A 263 32.96 -4.91 -2.50
N LEU A 264 32.25 -4.83 -3.62
CA LEU A 264 32.76 -5.27 -4.90
C LEU A 264 33.90 -4.38 -5.41
N LYS A 265 33.74 -3.05 -5.28
CA LYS A 265 34.76 -2.10 -5.72
C LYS A 265 36.04 -2.26 -4.93
N THR A 266 35.93 -2.50 -3.63
CA THR A 266 37.08 -2.85 -2.81
C THR A 266 37.76 -4.17 -3.14
N GLY A 267 36.96 -5.14 -3.56
CA GLY A 267 37.46 -6.46 -3.93
C GLY A 267 38.24 -6.42 -5.22
N ILE A 268 37.78 -5.62 -6.16
CA ILE A 268 38.52 -5.37 -7.39
C ILE A 268 39.83 -4.61 -7.10
N GLU A 269 39.73 -3.50 -6.35
CA GLU A 269 40.89 -2.62 -6.09
C GLU A 269 42.02 -3.43 -5.43
N HIS A 270 41.77 -3.88 -4.20
CA HIS A 270 42.80 -4.48 -3.35
C HIS A 270 42.87 -5.99 -3.49
N GLY A 271 42.02 -6.58 -4.32
CA GLY A 271 42.11 -8.01 -4.67
C GLY A 271 41.76 -9.05 -3.61
N ALA A 272 41.29 -8.63 -2.42
CA ALA A 272 41.27 -9.50 -1.23
C ALA A 272 39.90 -9.76 -0.60
N MET A 273 38.83 -9.47 -1.33
CA MET A 273 37.46 -9.75 -0.84
C MET A 273 37.18 -11.25 -0.95
N PRO A 274 36.78 -11.89 0.15
CA PRO A 274 36.55 -13.32 0.04
C PRO A 274 35.48 -13.68 -1.02
N GLU A 275 35.71 -14.79 -1.72
CA GLU A 275 34.90 -15.20 -2.84
C GLU A 275 33.36 -15.21 -2.58
N GLN A 276 32.92 -15.75 -1.45
CA GLN A 276 31.49 -15.84 -1.18
C GLN A 276 30.88 -14.47 -0.98
N ILE A 277 31.59 -13.57 -0.30
CA ILE A 277 31.12 -12.19 -0.21
C ILE A 277 30.93 -11.57 -1.61
N VAL A 278 31.91 -11.73 -2.48
CA VAL A 278 31.75 -11.24 -3.86
C VAL A 278 30.52 -11.87 -4.61
N VAL A 279 30.37 -13.20 -4.50
CA VAL A 279 29.29 -13.89 -5.17
C VAL A 279 27.98 -13.34 -4.67
N GLN A 280 27.79 -13.28 -3.36
CA GLN A 280 26.53 -12.79 -2.78
C GLN A 280 26.22 -11.33 -3.13
N ALA A 281 27.24 -10.48 -2.95
CA ALA A 281 27.17 -9.08 -3.35
C ALA A 281 26.74 -8.86 -4.81
N LEU A 282 27.31 -9.65 -5.71
CA LEU A 282 26.84 -9.67 -7.12
C LEU A 282 25.37 -10.04 -7.20
N GLN A 283 25.00 -11.14 -6.59
CA GLN A 283 23.62 -11.60 -6.64
C GLN A 283 22.67 -10.50 -6.12
N CYS A 284 22.92 -10.06 -4.90
CA CYS A 284 22.12 -8.99 -4.29
C CYS A 284 21.95 -7.71 -5.15
N SER A 285 23.04 -7.15 -5.67
CA SER A 285 22.95 -6.02 -6.59
C SER A 285 22.02 -6.26 -7.82
N HIS A 286 22.16 -7.46 -8.39
CA HIS A 286 21.35 -7.88 -9.50
C HIS A 286 19.88 -7.85 -9.12
N TYR A 287 19.52 -8.38 -7.95
CA TYR A 287 18.10 -8.40 -7.55
C TYR A 287 17.58 -7.00 -7.33
N SER A 288 18.40 -6.12 -6.73
CA SER A 288 18.07 -4.72 -6.59
C SER A 288 17.77 -4.11 -7.94
N ILE A 289 18.66 -4.34 -8.91
CA ILE A 289 18.49 -3.79 -10.28
C ILE A 289 17.20 -4.28 -10.93
N LEU A 290 16.96 -5.59 -10.92
CA LEU A 290 15.69 -6.12 -11.44
C LEU A 290 14.43 -5.54 -10.82
N TRP A 291 14.49 -5.29 -9.52
CA TRP A 291 13.35 -4.66 -8.84
C TRP A 291 13.25 -3.19 -9.21
N GLN A 292 14.36 -2.48 -9.30
CA GLN A 292 14.35 -1.11 -9.84
C GLN A 292 13.71 -1.06 -11.22
N LEU A 293 14.01 -2.04 -12.06
CA LEU A 293 13.47 -2.09 -13.41
C LEU A 293 11.95 -2.27 -13.46
N VAL A 294 11.45 -3.22 -12.67
CA VAL A 294 10.01 -3.42 -12.49
C VAL A 294 9.27 -2.14 -12.05
N LYS A 295 9.81 -1.38 -11.09
CA LYS A 295 9.13 -0.14 -10.64
C LYS A 295 9.03 0.86 -11.79
N ILE A 296 10.07 0.88 -12.62
CA ILE A 296 10.15 1.73 -13.80
C ILE A 296 9.23 1.26 -14.95
N THR A 297 9.19 -0.03 -15.28
CA THR A 297 8.27 -0.54 -16.30
C THR A 297 6.82 -0.23 -15.96
N ASP A 298 6.43 -0.65 -14.76
CA ASP A 298 5.03 -0.54 -14.28
C ASP A 298 4.59 0.92 -14.00
N GLY A 299 5.52 1.75 -13.51
CA GLY A 299 5.26 3.17 -13.32
C GLY A 299 5.14 3.96 -14.61
N SER A 300 5.12 5.27 -14.46
CA SER A 300 5.23 6.21 -15.58
C SER A 300 6.47 7.02 -15.28
N PRO A 301 7.64 6.56 -15.78
CA PRO A 301 8.93 7.07 -15.31
C PRO A 301 9.38 8.32 -16.04
N SER A 302 10.08 9.19 -15.33
CA SER A 302 10.57 10.43 -15.89
C SER A 302 11.89 10.20 -16.59
N LYS A 303 12.36 11.22 -17.27
CA LYS A 303 13.68 11.22 -17.91
C LYS A 303 14.82 10.91 -16.91
N GLU A 304 14.80 11.54 -15.74
CA GLU A 304 15.90 11.41 -14.75
C GLU A 304 15.78 10.10 -13.99
N ASP A 305 14.56 9.58 -13.84
CA ASP A 305 14.35 8.25 -13.30
C ASP A 305 15.12 7.24 -14.15
N LEU A 306 14.89 7.29 -15.47
CA LEU A 306 15.57 6.42 -16.42
C LEU A 306 17.08 6.57 -16.38
N LEU A 307 17.57 7.80 -16.33
CA LEU A 307 19.02 8.02 -16.35
C LEU A 307 19.72 7.70 -15.01
N VAL A 308 19.00 7.72 -13.89
CA VAL A 308 19.57 7.22 -12.63
C VAL A 308 19.65 5.70 -12.68
N LEU A 309 18.63 5.03 -13.22
CA LEU A 309 18.73 3.58 -13.38
C LEU A 309 19.87 3.23 -14.32
N ARG A 310 19.99 3.97 -15.43
CA ARG A 310 21.03 3.69 -16.43
C ARG A 310 22.40 3.77 -15.80
N LYS A 311 22.64 4.82 -15.03
CA LYS A 311 23.96 4.99 -14.41
C LYS A 311 24.27 3.80 -13.46
N THR A 312 23.26 3.37 -12.70
CA THR A 312 23.38 2.25 -11.79
C THR A 312 23.72 0.96 -12.55
N VAL A 313 22.99 0.71 -13.64
CA VAL A 313 23.24 -0.46 -14.47
C VAL A 313 24.60 -0.40 -15.16
N LYS A 314 25.04 0.76 -15.68
CA LYS A 314 26.36 0.79 -16.35
C LYS A 314 27.49 0.52 -15.34
N SER A 315 27.31 0.99 -14.11
CA SER A 315 28.35 0.80 -13.11
C SER A 315 28.38 -0.69 -12.70
N PHE A 316 27.20 -1.34 -12.69
CA PHE A 316 27.15 -2.73 -12.32
C PHE A 316 27.70 -3.68 -13.41
N LEU A 317 27.27 -3.50 -14.66
CA LEU A 317 27.91 -4.16 -15.82
C LEU A 317 29.45 -3.99 -15.85
N ALA A 318 29.90 -2.78 -15.54
CA ALA A 318 31.33 -2.53 -15.38
C ALA A 318 31.95 -3.42 -14.26
N VAL A 319 31.32 -3.47 -13.08
CA VAL A 319 31.80 -4.36 -11.98
C VAL A 319 31.80 -5.86 -12.36
N CYS A 320 30.75 -6.32 -13.04
CA CYS A 320 30.64 -7.71 -13.47
C CYS A 320 31.76 -8.02 -14.45
N GLN A 321 31.97 -7.12 -15.40
CA GLN A 321 33.07 -7.25 -16.35
C GLN A 321 34.37 -7.38 -15.60
N GLN A 322 34.61 -6.45 -14.68
CA GLN A 322 35.87 -6.50 -13.92
C GLN A 322 36.01 -7.84 -13.19
N CYS A 323 34.90 -8.36 -12.64
CA CYS A 323 34.88 -9.61 -11.85
C CYS A 323 35.18 -10.88 -12.61
N LEU A 324 35.09 -10.85 -13.93
CA LEU A 324 35.53 -11.99 -14.75
C LEU A 324 37.01 -12.34 -14.51
N SER A 325 37.82 -11.35 -14.11
CA SER A 325 39.23 -11.54 -13.81
C SER A 325 39.53 -11.91 -12.37
N ASN A 326 38.51 -12.05 -11.52
CA ASN A 326 38.70 -12.54 -10.13
C ASN A 326 39.29 -13.94 -10.22
N VAL A 327 40.23 -14.28 -9.33
CA VAL A 327 40.87 -15.61 -9.37
C VAL A 327 39.88 -16.76 -9.14
N ASN A 328 38.87 -16.53 -8.31
CA ASN A 328 37.98 -17.60 -7.86
C ASN A 328 36.94 -17.91 -8.94
N THR A 329 36.86 -19.15 -9.38
CA THR A 329 36.03 -19.41 -10.55
C THR A 329 34.54 -19.30 -10.20
N PRO A 330 34.17 -19.46 -8.91
CA PRO A 330 32.75 -19.16 -8.60
C PRO A 330 32.30 -17.71 -8.84
N VAL A 331 33.21 -16.75 -8.66
CA VAL A 331 32.94 -15.34 -8.98
C VAL A 331 32.82 -15.13 -10.48
N LYS A 332 33.71 -15.74 -11.26
CA LYS A 332 33.65 -15.61 -12.74
C LYS A 332 32.35 -16.11 -13.29
N GLU A 333 31.95 -17.27 -12.81
CA GLU A 333 30.71 -17.86 -13.21
C GLU A 333 29.51 -16.95 -12.85
N GLN A 334 29.52 -16.37 -11.65
CA GLN A 334 28.42 -15.48 -11.22
C GLN A 334 28.37 -14.24 -12.07
N ALA A 335 29.52 -13.57 -12.21
CA ALA A 335 29.64 -12.41 -13.08
C ALA A 335 29.21 -12.77 -14.48
N PHE A 336 29.72 -13.89 -14.98
CA PHE A 336 29.34 -14.33 -16.31
C PHE A 336 27.81 -14.50 -16.43
N MET A 337 27.17 -15.19 -15.47
CA MET A 337 25.72 -15.39 -15.56
C MET A 337 25.00 -14.04 -15.54
N LEU A 338 25.47 -13.14 -14.68
CA LEU A 338 24.81 -11.84 -14.58
C LEU A 338 25.00 -11.01 -15.86
N LEU A 339 26.21 -11.05 -16.44
CA LEU A 339 26.42 -10.38 -17.73
C LEU A 339 25.43 -10.92 -18.77
N CYS A 340 25.32 -12.25 -18.84
CA CYS A 340 24.46 -12.88 -19.85
C CYS A 340 22.98 -12.62 -19.63
N ASP A 341 22.55 -12.52 -18.36
CA ASP A 341 21.21 -12.04 -18.02
C ASP A 341 20.97 -10.56 -18.40
N LEU A 342 21.83 -9.69 -17.89
CA LEU A 342 21.62 -8.24 -17.99
C LEU A 342 21.75 -7.75 -19.44
N LEU A 343 22.74 -8.26 -20.16
CA LEU A 343 22.85 -7.97 -21.59
C LEU A 343 21.63 -8.44 -22.40
N MET A 344 20.85 -9.40 -21.89
CA MET A 344 19.63 -9.81 -22.57
C MET A 344 18.48 -8.89 -22.16
N ILE A 345 18.42 -8.53 -20.87
CA ILE A 345 17.33 -7.70 -20.32
C ILE A 345 17.36 -6.23 -20.78
N PHE A 346 18.57 -5.64 -20.78
CA PHE A 346 18.82 -4.27 -21.27
C PHE A 346 19.31 -4.22 -22.73
N SER A 347 19.04 -5.28 -23.48
CA SER A 347 19.01 -5.23 -24.96
C SER A 347 17.77 -4.46 -25.47
N HIS A 348 17.56 -4.52 -26.79
CA HIS A 348 16.44 -3.85 -27.46
C HIS A 348 15.10 -4.55 -27.29
N GLN A 349 15.13 -5.82 -26.86
CA GLN A 349 13.95 -6.52 -26.30
C GLN A 349 13.13 -5.55 -25.44
N LEU A 350 13.86 -4.83 -24.57
CA LEU A 350 13.29 -3.81 -23.69
C LEU A 350 12.35 -2.80 -24.34
N MET A 351 12.42 -2.61 -25.65
CA MET A 351 11.53 -1.69 -26.33
C MET A 351 10.32 -2.35 -27.01
N THR A 352 10.01 -3.60 -26.65
CA THR A 352 8.72 -4.22 -27.03
C THR A 352 7.51 -3.55 -26.27
N GLY A 353 6.29 -3.84 -26.74
CA GLY A 353 5.06 -3.51 -26.00
C GLY A 353 4.83 -2.03 -25.80
N GLY A 354 5.05 -1.26 -26.87
CA GLY A 354 4.95 0.21 -26.84
C GLY A 354 5.80 0.89 -25.77
N ARG A 355 6.89 0.23 -25.36
CA ARG A 355 7.76 0.74 -24.29
C ARG A 355 9.02 1.36 -24.89
N GLU A 356 8.86 2.17 -25.95
CA GLU A 356 9.99 2.93 -26.55
C GLU A 356 10.55 4.05 -25.67
N GLY A 357 9.84 4.43 -24.60
CA GLY A 357 10.35 5.33 -23.55
C GLY A 357 11.61 4.82 -22.89
N LEU A 358 11.79 3.49 -22.89
CA LEU A 358 12.97 2.84 -22.29
C LEU A 358 14.29 2.89 -23.07
N GLN A 359 14.31 3.46 -24.27
CA GLN A 359 15.52 3.47 -25.09
C GLN A 359 16.79 3.89 -24.31
N PRO A 360 16.70 4.92 -23.47
CA PRO A 360 17.89 5.29 -22.67
C PRO A 360 18.43 4.19 -21.71
N LEU A 361 17.60 3.21 -21.36
CA LEU A 361 18.07 2.02 -20.64
C LEU A 361 18.78 0.96 -21.48
N VAL A 362 18.83 1.09 -22.81
CA VAL A 362 19.42 0.05 -23.69
C VAL A 362 20.96 0.09 -23.65
N PHE A 363 21.58 -1.09 -23.55
CA PHE A 363 23.05 -1.22 -23.50
C PHE A 363 23.53 -2.14 -24.58
N ASN A 364 24.66 -1.80 -25.17
CA ASN A 364 25.28 -2.69 -26.13
C ASN A 364 26.66 -2.96 -25.64
N PRO A 365 26.99 -4.24 -25.50
CA PRO A 365 28.28 -4.56 -24.95
C PRO A 365 29.39 -4.14 -25.92
N ASP A 366 30.45 -3.53 -25.40
CA ASP A 366 31.54 -3.09 -26.25
C ASP A 366 32.31 -4.31 -26.78
N THR A 367 33.35 -4.06 -27.59
CA THR A 367 34.14 -5.12 -28.20
C THR A 367 34.92 -5.89 -27.14
N GLY A 368 35.52 -5.16 -26.20
CA GLY A 368 36.32 -5.78 -25.12
C GLY A 368 35.49 -6.79 -24.34
N LEU A 369 34.27 -6.37 -23.98
CA LEU A 369 33.35 -7.21 -23.20
C LEU A 369 32.91 -8.44 -23.97
N GLN A 370 32.47 -8.25 -25.22
CA GLN A 370 32.15 -9.41 -26.08
C GLN A 370 33.29 -10.41 -26.15
N SER A 371 34.52 -9.93 -26.26
CA SER A 371 35.68 -10.79 -26.29
C SER A 371 35.89 -11.51 -24.96
N GLU A 372 35.71 -10.79 -23.86
CA GLU A 372 35.88 -11.39 -22.54
C GLU A 372 34.83 -12.48 -22.29
N LEU A 373 33.62 -12.22 -22.79
CA LEU A 373 32.52 -13.19 -22.77
C LEU A 373 32.76 -14.39 -23.71
N LEU A 374 33.58 -14.21 -24.75
CA LEU A 374 34.05 -15.33 -25.55
C LEU A 374 35.07 -16.16 -24.75
N SER A 375 36.08 -15.50 -24.15
CA SER A 375 37.14 -16.19 -23.36
C SER A 375 36.59 -17.13 -22.25
N PHE A 376 35.62 -16.63 -21.46
CA PHE A 376 35.06 -17.41 -20.38
C PHE A 376 34.43 -18.69 -20.90
N VAL A 377 33.76 -18.62 -22.04
CA VAL A 377 33.19 -19.81 -22.67
C VAL A 377 34.34 -20.79 -22.96
N MET A 378 35.39 -20.28 -23.61
CA MET A 378 36.57 -21.10 -23.98
C MET A 378 37.27 -21.77 -22.80
N ASP A 379 37.34 -21.04 -21.69
CA ASP A 379 38.07 -21.47 -20.50
C ASP A 379 37.20 -22.16 -19.46
N HIS A 380 35.91 -21.85 -19.40
CA HIS A 380 35.07 -22.34 -18.27
C HIS A 380 33.80 -23.09 -18.64
N VAL A 381 33.32 -22.98 -19.88
CA VAL A 381 32.33 -23.95 -20.40
C VAL A 381 33.14 -25.17 -20.88
N PHE A 382 33.95 -24.97 -21.94
CA PHE A 382 34.69 -26.03 -22.65
C PHE A 382 36.04 -26.38 -22.01
N ILE A 383 35.95 -27.29 -21.04
CA ILE A 383 37.03 -27.65 -20.11
C ILE A 383 37.46 -29.12 -20.30
N ASP A 384 38.76 -29.40 -20.08
CA ASP A 384 39.39 -30.73 -20.33
C ASP A 384 38.89 -31.84 -19.39
N GLN A 385 39.02 -31.58 -18.09
CA GLN A 385 38.55 -32.48 -17.02
C GLN A 385 38.43 -31.68 -15.72
N GLU A 399 31.85 -38.42 -7.31
CA GLU A 399 30.94 -38.56 -8.45
C GLU A 399 29.96 -37.39 -8.57
N ALA A 400 28.90 -37.41 -7.75
CA ALA A 400 27.64 -36.65 -7.99
C ALA A 400 27.84 -35.21 -8.39
N ASN A 401 28.87 -34.58 -7.80
CA ASN A 401 29.28 -33.20 -8.11
C ASN A 401 29.55 -32.91 -9.61
N LYS A 402 29.86 -33.94 -10.41
CA LYS A 402 30.21 -33.76 -11.81
C LYS A 402 29.01 -33.76 -12.75
N ILE A 403 27.96 -34.53 -12.48
CA ILE A 403 26.70 -34.32 -13.28
C ILE A 403 26.08 -32.94 -13.02
N GLU A 404 26.29 -32.39 -11.82
CA GLU A 404 25.73 -31.09 -11.44
C GLU A 404 26.59 -29.95 -11.98
N ALA A 405 27.91 -30.11 -11.92
CA ALA A 405 28.79 -29.17 -12.59
C ALA A 405 28.60 -29.14 -14.12
N LEU A 406 28.18 -30.25 -14.73
CA LEU A 406 27.86 -30.26 -16.18
C LEU A 406 26.62 -29.42 -16.52
N HIS A 407 25.54 -29.55 -15.75
CA HIS A 407 24.33 -28.79 -16.03
C HIS A 407 24.59 -27.30 -15.85
N LYS A 408 25.39 -26.96 -14.86
CA LYS A 408 25.84 -25.57 -14.64
C LYS A 408 26.55 -24.98 -15.87
N ARG A 409 27.56 -25.69 -16.39
CA ARG A 409 28.26 -25.25 -17.60
C ARG A 409 27.31 -25.24 -18.80
N ARG A 410 26.37 -26.18 -18.83
CA ARG A 410 25.32 -26.15 -19.87
C ARG A 410 24.57 -24.81 -19.76
N ASN A 411 24.11 -24.44 -18.56
CA ASN A 411 23.32 -23.21 -18.40
C ASN A 411 24.11 -21.96 -18.74
N LEU A 412 25.38 -21.95 -18.34
CA LEU A 412 26.31 -20.89 -18.73
C LEU A 412 26.41 -20.75 -20.26
N LEU A 413 26.59 -21.86 -20.98
CA LEU A 413 26.59 -21.77 -22.43
C LEU A 413 25.24 -21.33 -22.94
N ALA A 414 24.19 -21.85 -22.32
CA ALA A 414 22.82 -21.62 -22.78
C ALA A 414 22.44 -20.15 -22.66
N ALA A 415 22.89 -19.52 -21.57
CA ALA A 415 22.67 -18.09 -21.35
C ALA A 415 23.50 -17.27 -22.32
N PHE A 416 24.69 -17.77 -22.65
CA PHE A 416 25.50 -17.15 -23.68
C PHE A 416 24.86 -17.35 -25.06
N SER A 417 24.28 -18.52 -25.32
CA SER A 417 23.63 -18.78 -26.61
C SER A 417 22.57 -17.75 -26.99
N LYS A 418 21.78 -17.30 -26.02
CA LYS A 418 20.78 -16.22 -26.26
C LYS A 418 21.43 -14.93 -26.83
N LEU A 419 22.60 -14.56 -26.33
CA LEU A 419 23.28 -13.36 -26.79
C LEU A 419 23.73 -13.48 -28.22
N ILE A 420 24.10 -14.70 -28.62
CA ILE A 420 24.57 -14.98 -29.98
C ILE A 420 23.42 -14.81 -30.97
N ILE A 421 22.31 -15.45 -30.68
CA ILE A 421 21.16 -15.45 -31.56
C ILE A 421 20.69 -14.03 -31.97
N TYR A 422 20.77 -13.05 -31.09
CA TYR A 422 20.32 -11.68 -31.41
C TYR A 422 21.46 -10.70 -31.68
N ASP A 423 22.59 -11.28 -32.09
CA ASP A 423 23.82 -10.56 -32.43
C ASP A 423 24.26 -9.56 -31.37
N ILE A 424 24.06 -9.91 -30.10
CA ILE A 424 24.47 -9.04 -29.01
C ILE A 424 25.98 -9.19 -28.79
N VAL A 425 26.47 -10.43 -28.95
CA VAL A 425 27.91 -10.73 -29.18
C VAL A 425 28.14 -11.08 -30.65
N ASP A 426 29.40 -11.07 -31.06
CA ASP A 426 29.82 -11.46 -32.41
C ASP A 426 29.41 -12.93 -32.63
N MET A 427 28.42 -13.17 -33.48
CA MET A 427 27.96 -14.55 -33.75
C MET A 427 29.03 -15.39 -34.46
N HIS A 428 29.88 -14.75 -35.26
CA HIS A 428 30.88 -15.47 -36.05
C HIS A 428 32.05 -15.99 -35.20
N ALA A 429 32.68 -15.13 -34.39
CA ALA A 429 33.72 -15.58 -33.43
C ALA A 429 33.23 -16.69 -32.48
N ALA A 430 31.93 -16.66 -32.17
CA ALA A 430 31.32 -17.67 -31.34
C ALA A 430 31.25 -19.01 -32.05
N ALA A 431 30.70 -19.03 -33.28
CA ALA A 431 30.58 -20.29 -34.06
C ALA A 431 31.97 -20.88 -34.34
N ASP A 432 32.95 -20.02 -34.59
CA ASP A 432 34.35 -20.45 -34.75
C ASP A 432 34.84 -21.24 -33.55
N ILE A 433 34.49 -20.76 -32.35
CA ILE A 433 34.75 -21.53 -31.13
C ILE A 433 33.96 -22.84 -31.16
N PHE A 434 32.71 -22.82 -31.57
CA PHE A 434 31.90 -24.06 -31.62
C PHE A 434 32.42 -25.04 -32.68
N LYS A 435 32.91 -24.52 -33.79
CA LYS A 435 33.63 -25.32 -34.77
C LYS A 435 34.79 -26.01 -34.07
N HIS A 436 35.72 -25.23 -33.51
CA HIS A 436 36.94 -25.77 -32.88
C HIS A 436 36.64 -26.90 -31.89
N TYR A 437 35.67 -26.69 -31.00
CA TYR A 437 35.36 -27.68 -29.96
C TYR A 437 34.49 -28.85 -30.45
N MET A 438 33.87 -28.74 -31.63
CA MET A 438 33.15 -29.85 -32.28
C MET A 438 34.01 -30.64 -33.28
N LYS A 439 35.22 -30.16 -33.59
CA LYS A 439 36.05 -30.69 -34.69
C LYS A 439 36.05 -32.22 -34.73
N TYR A 440 36.44 -32.87 -33.62
CA TYR A 440 36.49 -34.34 -33.57
C TYR A 440 35.17 -35.07 -33.85
N TYR A 441 34.03 -34.42 -33.61
CA TYR A 441 32.75 -34.95 -34.06
C TYR A 441 32.59 -34.81 -35.59
N ASN A 442 33.06 -33.69 -36.16
CA ASN A 442 32.96 -33.51 -37.61
C ASN A 442 33.94 -34.40 -38.35
N ASP A 443 35.20 -34.40 -37.90
CA ASP A 443 36.29 -35.11 -38.56
C ASP A 443 36.26 -36.62 -38.42
N TYR A 444 35.65 -37.18 -37.39
CA TYR A 444 35.71 -38.64 -37.14
C TYR A 444 34.38 -39.28 -36.70
N GLY A 445 33.29 -38.51 -36.62
CA GLY A 445 32.10 -38.96 -35.91
C GLY A 445 31.30 -40.01 -36.65
N ASP A 446 31.16 -39.80 -37.96
CA ASP A 446 30.53 -40.78 -38.85
C ASP A 446 31.20 -42.14 -38.72
N ILE A 447 32.53 -42.15 -38.66
CA ILE A 447 33.30 -43.40 -38.52
C ILE A 447 33.08 -44.04 -37.14
N ILE A 448 33.06 -43.20 -36.11
CA ILE A 448 32.75 -43.66 -34.76
C ILE A 448 31.31 -44.16 -34.65
N LYS A 449 30.40 -43.52 -35.37
CA LYS A 449 28.97 -43.79 -35.23
C LYS A 449 28.72 -45.20 -35.69
N GLU A 450 29.10 -45.50 -36.94
CA GLU A 450 28.86 -46.82 -37.54
C GLU A 450 29.66 -47.95 -36.86
N THR A 451 30.90 -47.67 -36.48
CA THR A 451 31.66 -48.59 -35.62
C THR A 451 30.88 -49.05 -34.38
N LEU A 452 30.22 -48.10 -33.72
CA LEU A 452 29.51 -48.38 -32.46
C LEU A 452 28.17 -49.11 -32.69
N SER A 453 27.53 -48.87 -33.84
CA SER A 453 26.29 -49.58 -34.19
C SER A 453 26.50 -51.12 -34.25
N LYS A 454 27.61 -51.56 -34.88
CA LYS A 454 27.90 -53.00 -35.00
C LYS A 454 28.64 -53.61 -33.80
N THR A 455 28.17 -53.37 -32.57
CA THR A 455 28.65 -54.09 -31.37
C THR A 455 27.47 -54.35 -30.43
N PRO B 4 -3.49 10.62 -30.96
CA PRO B 4 -4.45 10.84 -32.09
C PRO B 4 -5.28 12.15 -31.97
N ASN B 5 -5.67 12.49 -30.73
CA ASN B 5 -6.46 13.68 -30.38
C ASN B 5 -5.65 14.68 -29.56
N GLY B 6 -4.34 14.45 -29.44
CA GLY B 6 -3.51 15.23 -28.54
C GLY B 6 -3.44 16.71 -28.82
N ASN B 7 -3.49 17.08 -30.09
CA ASN B 7 -3.44 18.50 -30.46
C ASN B 7 -4.79 19.18 -30.14
N LEU B 8 -5.86 18.52 -30.59
CA LEU B 8 -7.25 18.96 -30.35
C LEU B 8 -7.51 19.35 -28.89
N ILE B 9 -7.06 18.50 -27.97
CA ILE B 9 -7.20 18.78 -26.54
C ILE B 9 -6.36 20.02 -26.17
N ARG B 10 -5.12 20.09 -26.64
CA ARG B 10 -4.25 21.21 -26.24
C ARG B 10 -4.84 22.54 -26.67
N MET B 11 -5.53 22.54 -27.83
CA MET B 11 -6.27 23.72 -28.27
C MET B 11 -7.58 23.97 -27.51
N LEU B 12 -8.30 22.90 -27.23
CA LEU B 12 -9.46 22.99 -26.36
C LEU B 12 -9.04 23.73 -25.09
N VAL B 13 -7.86 23.43 -24.57
CA VAL B 13 -7.38 24.14 -23.37
C VAL B 13 -7.27 25.66 -23.63
N LEU B 14 -6.60 26.04 -24.75
CA LEU B 14 -6.36 27.47 -25.11
C LEU B 14 -7.67 28.16 -25.35
N PHE B 15 -8.49 27.55 -26.20
CA PHE B 15 -9.85 28.06 -26.42
C PHE B 15 -10.49 28.44 -25.09
N PHE B 16 -10.33 27.56 -24.10
CA PHE B 16 -11.00 27.71 -22.81
C PHE B 16 -10.45 28.87 -21.97
N LEU B 17 -9.15 28.88 -21.69
CA LEU B 17 -8.61 29.91 -20.80
C LEU B 17 -8.34 31.31 -21.39
N GLU B 18 -8.04 31.42 -22.68
CA GLU B 18 -7.93 32.76 -23.29
C GLU B 18 -9.26 33.32 -23.78
N SER B 19 -10.37 32.60 -23.61
CA SER B 19 -11.70 33.21 -23.66
C SER B 19 -11.93 34.19 -22.50
N GLU B 20 -11.12 34.07 -21.43
CA GLU B 20 -11.26 34.88 -20.22
C GLU B 20 -12.68 34.73 -19.59
N LEU B 21 -13.20 33.49 -19.66
CA LEU B 21 -14.39 33.05 -18.92
C LEU B 21 -13.97 31.77 -18.19
N HIS B 22 -13.20 31.92 -17.12
CA HIS B 22 -12.67 30.78 -16.35
C HIS B 22 -13.70 30.14 -15.42
N GLU B 23 -14.83 30.82 -15.20
CA GLU B 23 -15.97 30.24 -14.49
C GLU B 23 -16.68 29.16 -15.31
N HIS B 24 -16.48 29.16 -16.63
CA HIS B 24 -17.35 28.42 -17.57
C HIS B 24 -16.92 26.98 -17.95
N ALA B 25 -15.96 26.37 -17.23
CA ALA B 25 -15.41 25.02 -17.58
C ALA B 25 -16.48 23.98 -17.87
N ALA B 26 -17.47 23.93 -17.00
CA ALA B 26 -18.56 22.99 -17.15
C ALA B 26 -19.45 23.38 -18.30
N TYR B 27 -19.62 24.69 -18.51
CA TYR B 27 -20.52 25.21 -19.55
C TYR B 27 -19.92 24.89 -20.94
N LEU B 28 -18.61 25.13 -21.09
CA LEU B 28 -17.87 24.71 -22.30
C LEU B 28 -18.11 23.23 -22.62
N VAL B 29 -17.83 22.37 -21.64
CA VAL B 29 -18.04 20.95 -21.83
C VAL B 29 -19.49 20.61 -22.22
N ASP B 30 -20.49 21.27 -21.63
CA ASP B 30 -21.88 20.90 -21.96
C ASP B 30 -22.33 21.37 -23.35
N SER B 31 -21.97 22.59 -23.73
CA SER B 31 -22.26 23.06 -25.10
C SER B 31 -21.49 22.27 -26.18
N LEU B 32 -20.37 21.64 -25.83
CA LEU B 32 -19.65 20.77 -26.75
C LEU B 32 -20.08 19.33 -26.74
N TRP B 33 -20.86 18.93 -25.73
CA TRP B 33 -21.13 17.51 -25.46
C TRP B 33 -21.88 16.79 -26.61
N GLU B 34 -22.86 17.43 -27.25
CA GLU B 34 -23.56 16.75 -28.38
C GLU B 34 -22.63 16.45 -29.54
N SER B 35 -21.84 17.44 -29.96
CA SER B 35 -20.93 17.28 -31.10
C SER B 35 -19.71 16.42 -30.79
N SER B 36 -19.17 16.53 -29.57
CA SER B 36 -17.77 16.12 -29.35
C SER B 36 -17.54 15.17 -28.16
N GLN B 37 -18.52 14.35 -27.81
CA GLN B 37 -18.29 13.46 -26.66
C GLN B 37 -17.24 12.38 -26.89
N GLU B 38 -17.03 11.95 -28.13
CA GLU B 38 -15.90 11.05 -28.47
C GLU B 38 -14.53 11.61 -27.98
N LEU B 39 -14.29 12.89 -28.24
CA LEU B 39 -13.05 13.55 -27.87
C LEU B 39 -13.04 13.91 -26.40
N LEU B 40 -14.20 14.33 -25.90
CA LEU B 40 -14.28 14.80 -24.54
C LEU B 40 -14.13 13.64 -23.52
N LYS B 41 -14.43 12.40 -23.93
CA LYS B 41 -14.11 11.17 -23.14
C LYS B 41 -12.73 10.47 -23.36
N ASP B 42 -11.82 11.08 -24.12
CA ASP B 42 -10.52 10.47 -24.36
C ASP B 42 -9.69 10.80 -23.17
N TRP B 43 -10.05 10.18 -22.04
CA TRP B 43 -9.35 10.41 -20.76
C TRP B 43 -7.88 9.98 -20.87
N GLU B 44 -7.67 8.84 -21.55
CA GLU B 44 -6.32 8.32 -21.88
C GLU B 44 -5.43 9.39 -22.49
N CYS B 45 -5.95 10.04 -23.53
CA CYS B 45 -5.23 11.18 -24.10
C CYS B 45 -4.91 12.28 -23.04
N MET B 46 -5.92 12.74 -22.28
CA MET B 46 -5.74 13.82 -21.26
C MET B 46 -4.75 13.42 -20.18
N THR B 47 -4.81 12.15 -19.72
CA THR B 47 -3.89 11.70 -18.65
C THR B 47 -2.49 11.73 -19.22
N GLU B 48 -2.31 11.07 -20.38
CA GLU B 48 -1.07 11.18 -21.20
C GLU B 48 -0.54 12.62 -21.28
N LEU B 49 -1.36 13.57 -21.71
CA LEU B 49 -0.90 14.97 -21.77
C LEU B 49 -0.46 15.54 -20.44
N LEU B 50 -1.03 15.03 -19.34
CA LEU B 50 -0.76 15.55 -17.97
C LEU B 50 0.45 14.88 -17.30
N LEU B 51 0.61 13.56 -17.51
CA LEU B 51 1.68 12.79 -16.88
C LEU B 51 3.08 12.76 -17.57
N GLU B 52 3.19 13.17 -18.84
CA GLU B 52 4.38 12.83 -19.67
C GLU B 52 5.16 14.01 -20.23
N GLU B 53 6.27 13.69 -20.92
CA GLU B 53 6.88 14.54 -21.95
C GLU B 53 7.18 13.67 -23.16
N ALA B 60 5.62 21.46 -24.10
CA ALA B 60 5.56 22.05 -22.76
C ALA B 60 4.23 22.78 -22.54
N MET B 61 3.42 22.29 -21.58
CA MET B 61 2.21 22.98 -21.14
C MET B 61 2.60 24.06 -20.11
N SER B 62 1.87 25.17 -20.06
CA SER B 62 2.08 26.13 -18.97
C SER B 62 1.57 25.57 -17.62
N ASP B 63 1.72 26.36 -16.56
CA ASP B 63 1.22 25.96 -15.24
C ASP B 63 -0.29 26.15 -15.28
N ARG B 64 -0.71 27.39 -15.50
CA ARG B 64 -2.11 27.76 -15.66
C ARG B 64 -2.83 26.85 -16.68
N GLN B 65 -2.10 26.33 -17.67
CA GLN B 65 -2.66 25.44 -18.70
C GLN B 65 -2.99 24.07 -18.17
N GLU B 66 -2.16 23.57 -17.26
CA GLU B 66 -2.40 22.27 -16.65
C GLU B 66 -3.62 22.32 -15.72
N SER B 67 -3.71 23.35 -14.88
CA SER B 67 -4.92 23.60 -14.10
C SER B 67 -6.14 23.37 -14.98
N ALA B 68 -6.22 24.19 -16.02
CA ALA B 68 -7.39 24.21 -16.86
C ALA B 68 -7.61 22.87 -17.56
N LEU B 69 -6.55 22.15 -17.90
CA LEU B 69 -6.76 20.79 -18.46
C LEU B 69 -7.28 19.83 -17.38
N ILE B 70 -6.77 19.95 -16.15
CA ILE B 70 -7.29 19.17 -15.02
C ILE B 70 -8.77 19.46 -14.77
N GLU B 71 -9.13 20.73 -14.74
CA GLU B 71 -10.50 21.13 -14.53
C GLU B 71 -11.44 20.68 -15.62
N LEU B 72 -10.96 20.72 -16.87
CA LEU B 72 -11.78 20.30 -18.01
C LEU B 72 -11.98 18.80 -17.95
N MET B 73 -10.91 18.10 -17.59
CA MET B 73 -10.93 16.65 -17.45
C MET B 73 -11.96 16.29 -16.40
N VAL B 74 -11.87 16.92 -15.23
CA VAL B 74 -12.88 16.63 -14.19
C VAL B 74 -14.34 16.88 -14.67
N CYS B 75 -14.58 17.98 -15.37
CA CYS B 75 -15.91 18.26 -15.89
C CYS B 75 -16.38 17.19 -16.84
N THR B 76 -15.48 16.59 -17.60
CA THR B 76 -15.87 15.55 -18.58
C THR B 76 -16.36 14.28 -17.89
N ILE B 77 -15.53 13.82 -16.96
CA ILE B 77 -15.90 12.73 -16.08
C ILE B 77 -17.34 12.91 -15.54
N ARG B 78 -17.60 14.03 -14.87
CA ARG B 78 -18.94 14.28 -14.35
C ARG B 78 -20.00 14.13 -15.44
N GLN B 79 -19.85 14.85 -16.54
CA GLN B 79 -20.91 14.86 -17.54
C GLN B 79 -21.17 13.46 -18.11
N ALA B 80 -20.07 12.68 -18.20
CA ALA B 80 -20.14 11.29 -18.60
C ALA B 80 -20.90 10.52 -17.55
N ALA B 81 -20.42 10.61 -16.30
CA ALA B 81 -20.89 9.75 -15.21
C ALA B 81 -22.37 9.97 -14.86
N GLU B 82 -22.83 11.21 -14.83
CA GLU B 82 -24.21 11.54 -14.44
C GLU B 82 -25.18 11.62 -15.62
N ALA B 83 -24.66 11.84 -16.83
CA ALA B 83 -25.42 11.86 -18.10
C ALA B 83 -26.53 12.89 -18.15
N HIS B 84 -26.27 14.04 -17.55
CA HIS B 84 -27.14 15.22 -17.70
C HIS B 84 -26.28 16.49 -17.70
N PRO B 85 -26.81 17.60 -18.23
CA PRO B 85 -26.15 18.90 -18.09
C PRO B 85 -25.79 19.30 -16.64
N PRO B 86 -24.79 20.19 -16.46
CA PRO B 86 -24.40 20.61 -15.10
C PRO B 86 -25.38 21.62 -14.50
N VAL B 87 -25.30 21.82 -13.19
CA VAL B 87 -26.21 22.73 -12.48
C VAL B 87 -26.28 24.11 -13.17
N GLY B 88 -27.49 24.47 -13.63
CA GLY B 88 -27.73 25.67 -14.43
C GLY B 88 -28.17 25.43 -15.87
N ARG B 89 -28.48 24.20 -16.25
CA ARG B 89 -28.91 23.89 -17.63
C ARG B 89 -30.13 22.93 -17.76
N GLY B 90 -30.49 22.16 -16.73
CA GLY B 90 -31.53 21.13 -16.87
C GLY B 90 -32.94 21.67 -16.93
N VAL B 95 -34.96 12.44 -19.47
CA VAL B 95 -35.70 11.26 -19.95
C VAL B 95 -34.86 10.42 -20.96
N LEU B 96 -33.97 9.58 -20.41
CA LEU B 96 -32.96 8.78 -21.17
C LEU B 96 -33.58 7.79 -22.16
N THR B 97 -32.84 7.50 -23.25
CA THR B 97 -33.34 6.61 -24.31
C THR B 97 -33.43 5.14 -23.90
N ALA B 98 -32.36 4.63 -23.29
CA ALA B 98 -32.03 3.18 -23.15
C ALA B 98 -30.79 2.90 -24.02
N LYS B 99 -30.64 3.66 -25.11
CA LYS B 99 -29.35 3.81 -25.80
C LYS B 99 -28.37 4.75 -25.07
N GLU B 100 -28.83 5.93 -24.69
CA GLU B 100 -27.99 6.88 -23.90
C GLU B 100 -27.67 6.30 -22.52
N ARG B 101 -28.69 5.66 -21.93
CA ARG B 101 -28.58 4.88 -20.69
C ARG B 101 -27.53 3.76 -20.83
N LYS B 102 -27.45 3.13 -22.02
CA LYS B 102 -26.36 2.18 -22.29
C LYS B 102 -25.00 2.87 -22.20
N THR B 103 -24.81 3.95 -22.97
CA THR B 103 -23.49 4.64 -23.02
C THR B 103 -23.07 5.18 -21.63
N GLN B 104 -24.05 5.60 -20.82
CA GLN B 104 -23.77 6.01 -19.42
C GLN B 104 -23.09 4.94 -18.57
N ILE B 105 -23.54 3.70 -18.71
CA ILE B 105 -22.97 2.56 -17.97
C ILE B 105 -21.54 2.30 -18.47
N ASP B 106 -21.41 2.29 -19.80
CA ASP B 106 -20.13 2.09 -20.48
C ASP B 106 -19.09 3.13 -20.08
N ASP B 107 -19.50 4.41 -20.00
CA ASP B 107 -18.57 5.50 -19.62
C ASP B 107 -18.09 5.34 -18.17
N ARG B 108 -19.06 5.22 -17.25
CA ARG B 108 -18.78 5.01 -15.82
C ARG B 108 -17.70 3.92 -15.64
N ASN B 109 -17.88 2.80 -16.35
CA ASN B 109 -16.95 1.67 -16.26
C ASN B 109 -15.60 2.02 -16.85
N LYS B 110 -15.63 2.66 -18.02
CA LYS B 110 -14.43 3.13 -18.70
C LYS B 110 -13.62 4.09 -17.80
N LEU B 111 -14.33 5.06 -17.23
CA LEU B 111 -13.66 6.11 -16.46
C LEU B 111 -13.08 5.56 -15.18
N THR B 112 -13.88 4.71 -14.49
CA THR B 112 -13.45 4.10 -13.23
C THR B 112 -12.16 3.33 -13.46
N GLU B 113 -12.18 2.48 -14.48
CA GLU B 113 -11.03 1.67 -14.84
C GLU B 113 -9.86 2.60 -15.09
N HIS B 114 -10.01 3.54 -16.02
CA HIS B 114 -8.85 4.37 -16.35
C HIS B 114 -8.31 5.08 -15.09
N PHE B 115 -9.23 5.68 -14.33
CA PHE B 115 -8.84 6.64 -13.30
C PHE B 115 -8.35 6.03 -12.00
N ILE B 116 -8.95 4.91 -11.60
CA ILE B 116 -8.37 4.08 -10.53
C ILE B 116 -6.85 3.94 -10.71
N ILE B 117 -6.45 3.58 -11.93
CA ILE B 117 -5.05 3.38 -12.26
C ILE B 117 -4.23 4.68 -12.17
N THR B 118 -4.77 5.72 -12.80
CA THR B 118 -3.98 6.90 -13.17
C THR B 118 -4.00 8.04 -12.16
N LEU B 119 -5.11 8.16 -11.41
CA LEU B 119 -5.32 9.22 -10.39
C LEU B 119 -4.26 9.24 -9.33
N PRO B 120 -3.88 8.06 -8.83
CA PRO B 120 -2.72 8.07 -7.92
C PRO B 120 -1.49 8.74 -8.53
N MET B 121 -1.21 8.47 -9.81
CA MET B 121 -0.07 9.09 -10.52
C MET B 121 -0.27 10.60 -10.67
N LEU B 122 -1.49 11.00 -11.04
CA LEU B 122 -1.81 12.42 -11.18
C LEU B 122 -1.55 13.13 -9.86
N LEU B 123 -2.12 12.58 -8.77
CA LEU B 123 -1.94 13.13 -7.42
C LEU B 123 -0.48 13.16 -7.08
N SER B 124 0.18 12.03 -7.30
CA SER B 124 1.63 11.87 -7.10
C SER B 124 2.44 12.96 -7.82
N LYS B 125 2.06 13.26 -9.07
CA LYS B 125 2.71 14.33 -9.85
C LYS B 125 2.42 15.75 -9.31
N TYR B 126 1.15 16.15 -9.21
CA TYR B 126 0.82 17.55 -8.84
C TYR B 126 0.69 17.82 -7.32
N SER B 127 1.22 16.90 -6.50
CA SER B 127 0.91 16.85 -5.06
C SER B 127 1.32 18.05 -4.22
N ALA B 128 2.05 19.01 -4.78
CA ALA B 128 2.30 20.28 -4.06
C ALA B 128 1.35 21.44 -4.44
N ASP B 129 0.36 21.19 -5.31
CA ASP B 129 -0.51 22.26 -5.84
C ASP B 129 -1.90 22.21 -5.20
N ALA B 130 -2.14 23.15 -4.28
CA ALA B 130 -3.37 23.21 -3.48
C ALA B 130 -4.60 22.99 -4.34
N GLU B 131 -4.76 23.86 -5.33
CA GLU B 131 -5.95 23.85 -6.16
C GLU B 131 -6.00 22.78 -7.25
N LYS B 132 -4.90 22.13 -7.62
CA LYS B 132 -4.99 21.01 -8.62
C LYS B 132 -5.39 19.69 -7.96
N VAL B 133 -4.79 19.45 -6.79
CA VAL B 133 -5.14 18.34 -5.90
C VAL B 133 -6.62 18.41 -5.54
N ALA B 134 -7.08 19.57 -5.08
CA ALA B 134 -8.50 19.73 -4.76
C ALA B 134 -9.37 19.25 -5.90
N ASN B 135 -8.96 19.63 -7.10
CA ASN B 135 -9.73 19.40 -8.30
C ASN B 135 -9.64 17.95 -8.70
N LEU B 136 -8.45 17.38 -8.62
CA LEU B 136 -8.28 15.92 -8.85
C LEU B 136 -9.16 15.05 -7.90
N LEU B 137 -9.21 15.43 -6.62
CA LEU B 137 -9.97 14.70 -5.61
C LEU B 137 -11.49 14.73 -5.80
N GLN B 138 -12.00 15.54 -6.73
CA GLN B 138 -13.40 15.43 -7.10
C GLN B 138 -13.64 14.17 -7.94
N ILE B 139 -12.57 13.43 -8.31
CA ILE B 139 -12.74 12.30 -9.22
C ILE B 139 -13.39 11.04 -8.57
N PRO B 140 -12.82 10.54 -7.45
CA PRO B 140 -13.28 9.30 -6.77
C PRO B 140 -14.77 9.15 -6.54
N GLN B 141 -15.48 10.24 -6.32
CA GLN B 141 -16.94 10.21 -6.24
C GLN B 141 -17.68 9.70 -7.47
N TYR B 142 -17.01 9.60 -8.62
CA TYR B 142 -17.70 9.18 -9.87
C TYR B 142 -17.56 7.67 -10.19
N PHE B 143 -16.58 7.07 -9.53
CA PHE B 143 -16.37 5.63 -9.61
C PHE B 143 -17.68 4.82 -9.38
N ASP B 144 -17.87 3.76 -10.19
CA ASP B 144 -18.65 2.61 -9.72
C ASP B 144 -17.66 1.81 -8.88
N LEU B 145 -17.76 1.99 -7.56
CA LEU B 145 -16.68 1.58 -6.65
C LEU B 145 -16.47 0.07 -6.62
N GLU B 146 -17.48 -0.69 -7.12
CA GLU B 146 -17.42 -2.15 -7.29
C GLU B 146 -16.14 -2.58 -7.99
N ILE B 147 -15.93 -2.04 -9.20
CA ILE B 147 -14.69 -2.24 -10.03
C ILE B 147 -13.32 -2.22 -9.27
N TYR B 148 -13.28 -1.78 -8.01
CA TYR B 148 -12.12 -2.00 -7.17
C TYR B 148 -12.05 -3.50 -6.81
N SER B 149 -13.20 -4.11 -6.57
CA SER B 149 -13.33 -5.57 -6.27
C SER B 149 -13.49 -6.41 -7.56
N THR B 150 -14.66 -6.28 -8.19
CA THR B 150 -15.06 -7.10 -9.36
C THR B 150 -14.06 -7.05 -10.55
N GLY B 151 -13.10 -6.10 -10.52
CA GLY B 151 -11.92 -6.10 -11.43
C GLY B 151 -10.53 -6.33 -10.83
N ARG B 152 -10.45 -6.78 -9.57
CA ARG B 152 -9.17 -6.95 -8.85
C ARG B 152 -8.15 -5.84 -9.12
N MET B 153 -8.54 -4.64 -8.68
CA MET B 153 -7.73 -3.42 -8.78
C MET B 153 -7.39 -2.91 -7.38
N GLU B 154 -7.23 -3.84 -6.42
CA GLU B 154 -6.91 -3.51 -5.03
C GLU B 154 -5.51 -2.92 -4.94
N LYS B 155 -4.57 -3.47 -5.71
CA LYS B 155 -3.24 -2.88 -5.89
C LYS B 155 -3.29 -1.34 -5.87
N HIS B 156 -4.24 -0.78 -6.63
CA HIS B 156 -4.33 0.67 -6.95
C HIS B 156 -5.03 1.53 -5.87
N LEU B 157 -6.08 0.99 -5.24
CA LEU B 157 -6.63 1.58 -4.02
C LEU B 157 -5.56 1.82 -2.95
N ASP B 158 -4.64 0.87 -2.79
CA ASP B 158 -3.55 1.03 -1.85
C ASP B 158 -2.65 2.23 -2.24
N ALA B 159 -2.59 2.53 -3.54
CA ALA B 159 -1.79 3.64 -4.11
C ALA B 159 -2.41 5.02 -3.92
N LEU B 160 -3.73 5.08 -4.14
CA LEU B 160 -4.51 6.29 -3.85
C LEU B 160 -4.30 6.79 -2.42
N LEU B 161 -4.59 5.92 -1.45
CA LEU B 161 -4.55 6.23 0.00
C LEU B 161 -3.13 6.60 0.41
N LYS B 162 -2.16 5.86 -0.10
CA LYS B 162 -0.78 6.26 0.12
C LYS B 162 -0.55 7.72 -0.35
N GLN B 163 -1.21 8.13 -1.43
CA GLN B 163 -1.03 9.46 -2.03
C GLN B 163 -1.87 10.56 -1.35
N ILE B 164 -3.12 10.22 -0.99
CA ILE B 164 -3.94 11.07 -0.10
C ILE B 164 -3.20 11.43 1.21
N LYS B 165 -2.61 10.41 1.83
CA LYS B 165 -1.77 10.56 3.01
C LYS B 165 -0.69 11.59 2.77
N PHE B 166 0.06 11.40 1.67
CA PHE B 166 1.20 12.26 1.31
C PHE B 166 0.73 13.72 1.13
N VAL B 167 -0.45 13.91 0.49
CA VAL B 167 -1.04 15.24 0.26
C VAL B 167 -1.37 15.97 1.55
N VAL B 168 -2.23 15.33 2.36
CA VAL B 168 -2.76 15.96 3.58
C VAL B 168 -1.67 16.35 4.61
N GLU B 169 -0.60 15.56 4.70
CA GLU B 169 0.54 15.86 5.57
C GLU B 169 1.26 17.15 5.21
N LYS B 170 1.24 17.48 3.91
CA LYS B 170 1.90 18.64 3.35
C LYS B 170 1.01 19.88 3.29
N HIS B 171 -0.30 19.69 3.14
CA HIS B 171 -1.19 20.80 2.87
C HIS B 171 -1.94 21.27 4.09
N VAL B 172 -2.24 22.56 4.12
CA VAL B 172 -2.98 23.22 5.20
C VAL B 172 -4.24 23.94 4.64
N GLU B 173 -4.40 24.02 3.32
CA GLU B 173 -5.44 24.87 2.74
C GLU B 173 -6.76 24.13 2.86
N SER B 174 -7.77 24.79 3.46
CA SER B 174 -9.08 24.19 3.74
C SER B 174 -9.59 23.30 2.65
N ASP B 175 -9.52 23.78 1.43
CA ASP B 175 -10.06 23.05 0.28
C ASP B 175 -9.37 21.72 -0.01
N VAL B 176 -8.07 21.62 0.20
CA VAL B 176 -7.36 20.35 0.01
C VAL B 176 -7.80 19.38 1.09
N LEU B 177 -7.71 19.83 2.34
CA LEU B 177 -8.08 19.02 3.49
C LEU B 177 -9.52 18.55 3.34
N GLU B 178 -10.45 19.46 3.04
CA GLU B 178 -11.84 19.07 2.90
C GLU B 178 -11.94 17.95 1.89
N ALA B 179 -11.31 18.17 0.74
CA ALA B 179 -11.41 17.25 -0.37
C ALA B 179 -10.84 15.86 -0.02
N CYS B 180 -9.72 15.83 0.73
CA CYS B 180 -9.16 14.57 1.26
C CYS B 180 -10.12 13.86 2.21
N SER B 181 -10.70 14.61 3.15
CA SER B 181 -11.73 14.09 4.03
C SER B 181 -12.95 13.56 3.26
N LYS B 182 -13.45 14.31 2.30
CA LYS B 182 -14.59 13.86 1.45
C LYS B 182 -14.30 12.59 0.63
N THR B 183 -13.02 12.33 0.33
CA THR B 183 -12.65 11.23 -0.55
C THR B 183 -12.63 9.94 0.27
N TYR B 184 -11.97 10.02 1.43
CA TYR B 184 -12.18 9.05 2.54
C TYR B 184 -13.66 8.76 2.87
N SER B 185 -14.49 9.77 2.99
CA SER B 185 -15.92 9.54 3.18
C SER B 185 -16.61 8.67 2.08
N ILE B 186 -16.15 8.75 0.82
CA ILE B 186 -16.73 7.95 -0.31
C ILE B 186 -16.12 6.54 -0.35
N LEU B 187 -14.82 6.46 -0.04
CA LEU B 187 -14.08 5.20 -0.01
C LEU B 187 -14.53 4.26 1.13
N CYS B 188 -14.63 4.77 2.36
CA CYS B 188 -15.38 4.11 3.48
C CYS B 188 -16.86 4.08 3.09
N SER B 189 -17.16 3.30 2.06
CA SER B 189 -18.48 3.22 1.46
C SER B 189 -19.36 2.37 2.35
N GLU B 190 -18.77 1.29 2.87
CA GLU B 190 -19.38 0.26 3.73
C GLU B 190 -20.06 -0.89 2.96
N GLU B 191 -19.93 -0.89 1.63
CA GLU B 191 -20.42 -1.98 0.80
C GLU B 191 -19.31 -2.98 0.65
N TYR B 192 -18.26 -2.55 -0.04
CA TYR B 192 -17.45 -3.45 -0.85
C TYR B 192 -16.21 -3.88 -0.04
N THR B 193 -15.69 -5.09 -0.32
CA THR B 193 -14.54 -5.72 0.40
C THR B 193 -13.35 -4.76 0.67
N ILE B 194 -13.22 -3.75 -0.18
CA ILE B 194 -12.31 -2.61 0.02
C ILE B 194 -12.44 -1.85 1.36
N GLN B 195 -13.68 -1.73 1.87
CA GLN B 195 -13.98 -0.89 3.04
C GLN B 195 -13.03 -1.11 4.21
N ASN B 196 -12.79 -2.35 4.56
CA ASN B 196 -11.82 -2.67 5.61
C ASN B 196 -10.43 -2.03 5.36
N ARG B 197 -9.99 -2.07 4.11
CA ARG B 197 -8.65 -1.58 3.72
C ARG B 197 -8.52 -0.05 3.83
N VAL B 198 -9.63 0.65 3.58
CA VAL B 198 -9.75 2.09 3.77
C VAL B 198 -9.63 2.39 5.29
N ASP B 199 -10.54 1.81 6.10
CA ASP B 199 -10.56 1.98 7.58
C ASP B 199 -9.18 1.91 8.19
N ILE B 200 -8.38 0.92 7.80
CA ILE B 200 -7.06 0.73 8.43
C ILE B 200 -6.13 1.90 8.13
N ALA B 201 -6.11 2.35 6.87
CA ALA B 201 -5.29 3.50 6.46
C ALA B 201 -5.84 4.81 7.00
N ARG B 202 -7.18 4.95 7.10
CA ARG B 202 -7.78 6.09 7.81
C ARG B 202 -7.26 6.18 9.24
N SER B 203 -7.57 5.18 10.06
CA SER B 203 -7.05 5.13 11.44
C SER B 203 -5.56 5.37 11.46
N GLN B 204 -4.83 4.72 10.57
CA GLN B 204 -3.38 4.88 10.53
C GLN B 204 -3.02 6.39 10.48
N LEU B 205 -3.75 7.11 9.64
CA LEU B 205 -3.51 8.53 9.37
C LEU B 205 -3.88 9.44 10.58
N ILE B 206 -5.11 9.29 11.04
CA ILE B 206 -5.61 9.98 12.21
C ILE B 206 -4.69 9.79 13.43
N ASP B 207 -4.37 8.52 13.70
CA ASP B 207 -3.37 8.15 14.71
C ASP B 207 -2.14 9.05 14.58
N GLU B 208 -1.63 9.23 13.36
CA GLU B 208 -0.44 10.11 13.17
C GLU B 208 -0.69 11.59 13.41
N PHE B 209 -1.85 12.11 13.01
CA PHE B 209 -2.15 13.52 13.28
C PHE B 209 -2.37 13.80 14.73
N VAL B 210 -3.13 12.91 15.37
CA VAL B 210 -3.37 13.04 16.80
C VAL B 210 -2.08 13.05 17.58
N ASP B 211 -1.15 12.12 17.29
CA ASP B 211 0.11 12.09 18.03
C ASP B 211 0.88 13.37 17.82
N ARG B 212 0.96 13.80 16.56
CA ARG B 212 1.66 15.03 16.21
C ARG B 212 0.94 16.27 16.83
N PHE B 213 -0.41 16.23 16.87
CA PHE B 213 -1.24 17.27 17.52
C PHE B 213 -0.95 17.34 19.03
N ASN B 214 -1.05 16.22 19.74
CA ASN B 214 -0.83 16.20 21.21
C ASN B 214 0.60 16.63 21.58
N HIS B 215 1.60 16.13 20.85
CA HIS B 215 2.97 16.57 21.09
C HIS B 215 3.07 18.09 20.88
N SER B 216 2.49 18.58 19.77
CA SER B 216 2.47 20.03 19.42
C SER B 216 1.84 20.88 20.52
N VAL B 217 0.79 20.36 21.16
CA VAL B 217 0.08 21.07 22.21
C VAL B 217 0.90 21.12 23.49
N GLU B 218 1.64 20.03 23.77
CA GLU B 218 2.54 20.00 24.92
C GLU B 218 3.67 21.03 24.78
N ASP B 219 4.29 21.06 23.60
CA ASP B 219 5.36 22.02 23.28
C ASP B 219 4.87 23.47 23.31
N LEU B 220 3.58 23.70 22.97
CA LEU B 220 3.00 25.04 22.93
C LEU B 220 2.73 25.63 24.31
N LEU B 221 2.14 24.84 25.21
CA LEU B 221 1.87 25.30 26.58
C LEU B 221 3.17 25.24 27.44
N GLN B 222 4.08 26.16 27.09
CA GLN B 222 5.42 26.31 27.65
C GLN B 222 5.92 27.78 27.48
N GLU B 223 6.04 28.25 26.23
CA GLU B 223 6.56 29.59 25.92
C GLU B 223 5.62 30.41 25.05
N ASP B 228 6.71 30.89 21.21
CA ASP B 228 7.52 30.85 19.97
C ASP B 228 6.68 30.48 18.72
N ASP B 229 7.04 31.04 17.55
CA ASP B 229 6.31 30.83 16.27
C ASP B 229 6.28 29.42 15.71
N ASP B 230 7.43 28.76 15.57
CA ASP B 230 7.47 27.38 15.08
C ASP B 230 6.57 26.41 15.91
N ASP B 231 6.39 26.70 17.20
CA ASP B 231 5.40 25.97 18.02
C ASP B 231 4.00 26.19 17.45
N ILE B 232 3.60 27.47 17.38
CA ILE B 232 2.25 27.87 16.99
C ILE B 232 1.84 27.14 15.72
N TYR B 233 2.63 27.22 14.66
CA TYR B 233 2.27 26.60 13.39
C TYR B 233 2.11 25.06 13.50
N ASN B 234 2.87 24.39 14.35
CA ASN B 234 2.69 22.93 14.55
C ASN B 234 1.28 22.57 15.04
N VAL B 235 0.82 23.30 16.06
CA VAL B 235 -0.55 23.17 16.61
C VAL B 235 -1.63 23.48 15.56
N LEU B 236 -1.55 24.67 14.98
CA LEU B 236 -2.52 25.08 13.95
C LEU B 236 -2.60 24.08 12.81
N SER B 237 -1.46 23.66 12.28
CA SER B 237 -1.46 22.83 11.10
C SER B 237 -2.09 21.49 11.45
N THR B 238 -1.72 20.96 12.61
CA THR B 238 -2.22 19.64 13.04
C THR B 238 -3.70 19.70 13.44
N LEU B 239 -4.06 20.73 14.21
CA LEU B 239 -5.46 20.97 14.60
C LEU B 239 -6.36 21.11 13.36
N LYS B 240 -5.89 21.87 12.37
CA LYS B 240 -6.62 22.09 11.12
C LYS B 240 -6.93 20.77 10.36
N ARG B 241 -5.93 19.91 10.24
CA ARG B 241 -6.14 18.60 9.64
C ARG B 241 -7.22 17.76 10.37
N LEU B 242 -7.16 17.78 11.70
CA LEU B 242 -8.08 16.98 12.52
C LEU B 242 -9.46 17.57 12.44
N THR B 243 -9.54 18.89 12.52
CA THR B 243 -10.81 19.57 12.43
C THR B 243 -11.53 19.31 11.07
N SER B 244 -10.81 19.40 9.96
CA SER B 244 -11.49 19.17 8.67
C SER B 244 -12.05 17.74 8.58
N PHE B 245 -11.34 16.76 9.14
CA PHE B 245 -11.86 15.37 9.16
C PHE B 245 -13.02 15.14 10.14
N HIS B 246 -12.96 15.83 11.28
CA HIS B 246 -13.93 15.59 12.35
C HIS B 246 -15.40 15.79 11.95
N ASN B 247 -15.63 16.65 10.97
CA ASN B 247 -16.94 16.88 10.41
C ASN B 247 -17.59 15.60 9.88
N ALA B 248 -16.94 14.91 8.96
CA ALA B 248 -17.50 13.72 8.28
C ALA B 248 -17.07 12.37 8.90
N HIS B 249 -15.95 12.37 9.64
CA HIS B 249 -15.44 11.17 10.33
C HIS B 249 -15.55 11.27 11.88
N ASP B 250 -16.38 10.43 12.49
CA ASP B 250 -16.30 10.25 13.95
C ASP B 250 -14.86 10.01 14.49
N LEU B 251 -14.33 11.01 15.15
CA LEU B 251 -12.98 10.95 15.74
C LEU B 251 -13.04 11.00 17.27
N THR B 252 -14.18 10.61 17.86
CA THR B 252 -14.34 10.58 19.33
C THR B 252 -13.46 9.53 20.02
N LYS B 253 -13.27 8.35 19.43
CA LYS B 253 -12.34 7.33 19.95
C LYS B 253 -10.96 7.92 20.33
N TRP B 254 -10.58 9.06 19.74
CA TRP B 254 -9.40 9.86 20.12
C TRP B 254 -9.88 11.02 21.06
N ASP B 255 -9.06 11.49 22.00
CA ASP B 255 -9.59 12.40 23.04
C ASP B 255 -9.35 13.86 22.67
N LEU B 256 -9.98 14.28 21.58
CA LEU B 256 -9.65 15.59 20.99
C LEU B 256 -10.25 16.75 21.74
N PHE B 257 -11.41 16.52 22.34
CA PHE B 257 -12.06 17.54 23.13
C PHE B 257 -11.15 18.02 24.28
N GLY B 258 -10.59 17.07 25.03
CA GLY B 258 -9.69 17.38 26.12
C GLY B 258 -8.70 18.44 25.72
N ASN B 259 -7.96 18.19 24.66
CA ASN B 259 -6.89 19.10 24.24
C ASN B 259 -7.38 20.41 23.67
N CYS B 260 -8.47 20.33 22.92
CA CYS B 260 -9.11 21.51 22.40
C CYS B 260 -9.60 22.36 23.57
N TYR B 261 -10.04 21.74 24.66
CA TYR B 261 -10.52 22.44 25.85
C TYR B 261 -9.37 23.19 26.55
N ARG B 262 -8.22 22.55 26.63
CA ARG B 262 -7.08 23.17 27.28
C ARG B 262 -6.65 24.43 26.52
N LEU B 263 -6.54 24.33 25.19
CA LEU B 263 -6.16 25.46 24.31
C LEU B 263 -7.11 26.64 24.44
N LEU B 264 -8.40 26.34 24.62
CA LEU B 264 -9.42 27.38 24.69
C LEU B 264 -9.42 28.04 26.07
N LYS B 265 -9.28 27.24 27.11
CA LYS B 265 -9.13 27.76 28.47
C LYS B 265 -7.81 28.51 28.69
N THR B 266 -6.72 28.04 28.09
CA THR B 266 -5.44 28.76 28.10
C THR B 266 -5.52 30.06 27.28
N GLY B 267 -6.30 30.04 26.20
CA GLY B 267 -6.57 31.24 25.40
C GLY B 267 -7.38 32.27 26.17
N ILE B 268 -8.36 31.78 26.94
CA ILE B 268 -9.23 32.62 27.79
C ILE B 268 -8.49 33.35 28.94
N GLU B 269 -7.91 32.61 29.90
CA GLU B 269 -7.27 33.24 31.08
C GLU B 269 -6.07 34.16 30.75
N HIS B 270 -5.37 33.89 29.65
CA HIS B 270 -4.23 34.72 29.23
C HIS B 270 -4.56 35.68 28.08
N GLY B 271 -4.91 35.16 26.91
CA GLY B 271 -5.11 35.99 25.72
C GLY B 271 -4.01 35.81 24.69
N ALA B 272 -3.01 34.99 25.03
CA ALA B 272 -1.89 34.73 24.13
C ALA B 272 -2.20 33.92 22.84
N MET B 273 -3.40 33.33 22.73
CA MET B 273 -3.66 32.28 21.70
C MET B 273 -4.13 32.83 20.35
N PRO B 274 -3.38 32.54 19.26
CA PRO B 274 -3.78 33.06 17.95
C PRO B 274 -5.23 32.75 17.61
N GLU B 275 -5.89 33.72 16.95
CA GLU B 275 -7.30 33.59 16.64
C GLU B 275 -7.62 32.27 15.92
N GLN B 276 -6.79 31.91 14.94
CA GLN B 276 -7.05 30.74 14.13
C GLN B 276 -7.00 29.45 14.96
N ILE B 277 -6.13 29.40 15.96
CA ILE B 277 -6.05 28.21 16.81
C ILE B 277 -7.27 28.11 17.70
N VAL B 278 -7.73 29.26 18.15
CA VAL B 278 -8.96 29.34 18.94
C VAL B 278 -10.14 28.93 18.08
N VAL B 279 -10.19 29.45 16.85
CA VAL B 279 -11.35 29.22 15.96
C VAL B 279 -11.43 27.76 15.57
N GLN B 280 -10.32 27.22 15.12
CA GLN B 280 -10.25 25.77 14.84
C GLN B 280 -10.67 24.90 16.08
N ALA B 281 -10.05 25.17 17.23
CA ALA B 281 -10.36 24.45 18.46
C ALA B 281 -11.85 24.55 18.84
N LEU B 282 -12.45 25.72 18.63
CA LEU B 282 -13.89 25.85 18.77
C LEU B 282 -14.63 24.85 17.83
N GLN B 283 -14.25 24.84 16.56
CA GLN B 283 -14.94 24.01 15.56
C GLN B 283 -14.72 22.53 15.82
N CYS B 284 -13.50 22.13 16.17
CA CYS B 284 -13.22 20.74 16.48
C CYS B 284 -14.05 20.19 17.64
N SER B 285 -14.09 20.97 18.74
CA SER B 285 -14.86 20.66 19.96
C SER B 285 -16.32 20.43 19.65
N HIS B 286 -16.83 21.29 18.78
CA HIS B 286 -18.20 21.21 18.35
C HIS B 286 -18.45 19.90 17.57
N TYR B 287 -17.59 19.60 16.59
CA TYR B 287 -17.72 18.33 15.85
C TYR B 287 -17.64 17.13 16.80
N SER B 288 -16.71 17.16 17.76
CA SER B 288 -16.72 16.11 18.79
C SER B 288 -18.06 15.96 19.54
N ILE B 289 -18.60 17.08 20.00
CA ILE B 289 -19.91 17.09 20.65
C ILE B 289 -20.96 16.48 19.71
N LEU B 290 -21.03 16.92 18.45
CA LEU B 290 -22.10 16.45 17.57
C LEU B 290 -22.07 14.93 17.36
N TRP B 291 -20.84 14.41 17.21
CA TRP B 291 -20.63 12.96 17.11
C TRP B 291 -21.08 12.26 18.37
N GLN B 292 -20.76 12.86 19.51
CA GLN B 292 -21.21 12.29 20.79
C GLN B 292 -22.73 12.22 20.91
N LEU B 293 -23.44 13.28 20.47
CA LEU B 293 -24.91 13.25 20.41
C LEU B 293 -25.48 12.20 19.48
N VAL B 294 -24.74 11.86 18.42
CA VAL B 294 -25.11 10.78 17.52
C VAL B 294 -25.02 9.43 18.22
N LYS B 295 -23.92 9.17 18.94
CA LYS B 295 -23.70 7.85 19.60
C LYS B 295 -24.81 7.57 20.63
N ILE B 296 -25.19 8.63 21.32
CA ILE B 296 -26.35 8.65 22.19
C ILE B 296 -27.65 8.48 21.43
N THR B 297 -27.92 9.33 20.44
CA THR B 297 -29.24 9.33 19.78
C THR B 297 -29.53 8.09 18.93
N ASP B 298 -28.49 7.33 18.55
CA ASP B 298 -28.61 6.11 17.73
C ASP B 298 -28.26 4.80 18.44
N GLY B 299 -27.70 4.83 19.65
CA GLY B 299 -27.62 3.64 20.52
C GLY B 299 -28.72 3.68 21.58
N SER B 300 -28.57 2.86 22.62
CA SER B 300 -29.43 2.96 23.84
C SER B 300 -28.56 3.34 25.06
N PRO B 301 -28.63 4.63 25.50
CA PRO B 301 -27.63 5.12 26.48
C PRO B 301 -28.04 5.00 27.97
N SER B 302 -27.05 4.83 28.85
CA SER B 302 -27.28 4.86 30.29
C SER B 302 -27.45 6.31 30.78
N LYS B 303 -27.96 6.49 31.99
CA LYS B 303 -28.12 7.84 32.59
C LYS B 303 -26.77 8.51 32.81
N GLU B 304 -25.79 7.71 33.24
CA GLU B 304 -24.41 8.17 33.33
C GLU B 304 -23.87 8.69 31.99
N ASP B 305 -24.16 7.99 30.90
CA ASP B 305 -23.81 8.45 29.57
C ASP B 305 -24.36 9.85 29.33
N LEU B 306 -25.64 10.04 29.63
CA LEU B 306 -26.28 11.34 29.42
C LEU B 306 -25.71 12.45 30.32
N LEU B 307 -25.22 12.10 31.51
CA LEU B 307 -24.68 13.11 32.45
C LEU B 307 -23.27 13.49 32.06
N VAL B 308 -22.50 12.50 31.62
CA VAL B 308 -21.15 12.75 31.07
C VAL B 308 -21.13 13.76 29.91
N LEU B 309 -22.08 13.64 28.97
CA LEU B 309 -22.21 14.60 27.87
C LEU B 309 -22.68 15.98 28.35
N ARG B 310 -23.77 16.03 29.11
CA ARG B 310 -24.28 17.29 29.70
C ARG B 310 -23.17 18.15 30.29
N LYS B 311 -22.26 17.50 31.00
CA LYS B 311 -21.13 18.17 31.61
C LYS B 311 -20.28 18.82 30.49
N THR B 312 -19.81 17.97 29.55
CA THR B 312 -19.00 18.39 28.40
C THR B 312 -19.65 19.59 27.66
N VAL B 313 -20.97 19.48 27.42
CA VAL B 313 -21.72 20.52 26.70
C VAL B 313 -21.79 21.84 27.47
N LYS B 314 -21.96 21.81 28.80
CA LYS B 314 -22.01 23.07 29.59
C LYS B 314 -20.62 23.73 29.64
N SER B 315 -19.58 22.90 29.64
CA SER B 315 -18.21 23.41 29.63
C SER B 315 -17.95 24.18 28.35
N PHE B 316 -18.49 23.62 27.27
CA PHE B 316 -18.27 24.19 25.97
C PHE B 316 -19.12 25.42 25.84
N LEU B 317 -20.37 25.34 26.26
CA LEU B 317 -21.25 26.53 26.29
C LEU B 317 -20.63 27.71 27.00
N ALA B 318 -20.07 27.43 28.17
CA ALA B 318 -19.29 28.38 28.95
C ALA B 318 -18.12 28.89 28.14
N VAL B 319 -17.40 27.99 27.48
CA VAL B 319 -16.24 28.41 26.69
C VAL B 319 -16.69 29.31 25.53
N CYS B 320 -17.82 28.98 24.92
CA CYS B 320 -18.30 29.80 23.80
C CYS B 320 -18.75 31.16 24.30
N GLN B 321 -19.53 31.20 25.40
CA GLN B 321 -19.89 32.51 26.02
C GLN B 321 -18.68 33.37 26.41
N GLN B 322 -17.70 32.78 27.07
CA GLN B 322 -16.47 33.50 27.39
C GLN B 322 -15.81 34.00 26.11
N CYS B 323 -15.87 33.21 25.05
CA CYS B 323 -15.26 33.59 23.76
C CYS B 323 -15.93 34.72 22.99
N LEU B 324 -17.15 35.11 23.37
CA LEU B 324 -17.80 36.29 22.80
C LEU B 324 -17.04 37.59 23.08
N SER B 325 -16.21 37.59 24.12
CA SER B 325 -15.38 38.74 24.46
C SER B 325 -13.96 38.68 23.90
N ASN B 326 -13.64 37.68 23.08
CA ASN B 326 -12.30 37.60 22.48
C ASN B 326 -12.15 38.87 21.61
N VAL B 327 -10.96 39.43 21.57
CA VAL B 327 -10.74 40.69 20.84
C VAL B 327 -10.86 40.52 19.33
N ASN B 328 -10.47 39.37 18.80
CA ASN B 328 -10.55 39.11 17.36
C ASN B 328 -12.00 38.81 16.97
N THR B 329 -12.48 39.48 15.92
CA THR B 329 -13.85 39.28 15.41
C THR B 329 -14.15 37.83 14.92
N PRO B 330 -13.24 37.24 14.12
CA PRO B 330 -13.53 35.86 13.73
C PRO B 330 -13.91 35.02 14.94
N VAL B 331 -13.12 35.12 16.00
CA VAL B 331 -13.36 34.33 17.21
C VAL B 331 -14.70 34.69 17.87
N LYS B 332 -15.09 35.95 17.80
CA LYS B 332 -16.43 36.32 18.26
C LYS B 332 -17.51 35.66 17.38
N GLU B 333 -17.34 35.72 16.06
CA GLU B 333 -18.37 35.22 15.17
C GLU B 333 -18.53 33.69 15.27
N GLN B 334 -17.39 32.97 15.30
CA GLN B 334 -17.43 31.50 15.44
C GLN B 334 -18.16 31.12 16.73
N ALA B 335 -17.76 31.75 17.85
CA ALA B 335 -18.41 31.47 19.14
C ALA B 335 -19.92 31.65 19.05
N PHE B 336 -20.32 32.76 18.42
CA PHE B 336 -21.73 33.09 18.26
C PHE B 336 -22.49 32.03 17.42
N MET B 337 -22.00 31.77 16.22
CA MET B 337 -22.58 30.71 15.39
C MET B 337 -22.72 29.39 16.15
N LEU B 338 -21.66 29.00 16.86
CA LEU B 338 -21.66 27.71 17.57
C LEU B 338 -22.68 27.67 18.70
N LEU B 339 -22.80 28.77 19.43
CA LEU B 339 -23.88 28.92 20.45
C LEU B 339 -25.29 28.77 19.87
N CYS B 340 -25.56 29.52 18.79
CA CYS B 340 -26.85 29.49 18.15
C CYS B 340 -27.17 28.11 17.57
N ASP B 341 -26.16 27.41 17.05
CA ASP B 341 -26.38 26.03 16.62
C ASP B 341 -26.56 25.12 17.86
N LEU B 342 -25.74 25.29 18.90
CA LEU B 342 -25.80 24.44 20.12
C LEU B 342 -27.09 24.56 20.97
N LEU B 343 -27.60 25.78 21.16
CA LEU B 343 -28.91 25.98 21.82
C LEU B 343 -30.05 25.30 21.05
N MET B 344 -30.10 25.56 19.75
CA MET B 344 -31.03 24.90 18.83
C MET B 344 -30.96 23.38 18.93
N ILE B 345 -29.75 22.83 19.06
CA ILE B 345 -29.58 21.36 19.09
C ILE B 345 -30.02 20.75 20.39
N PHE B 346 -29.69 21.42 21.49
CA PHE B 346 -29.95 20.92 22.83
C PHE B 346 -31.14 21.68 23.45
N SER B 347 -32.35 21.16 23.22
CA SER B 347 -33.58 21.88 23.54
C SER B 347 -34.73 20.92 23.36
N HIS B 348 -35.95 21.30 23.75
CA HIS B 348 -37.14 20.42 23.62
C HIS B 348 -37.15 19.68 22.26
N GLN B 349 -36.74 20.38 21.19
CA GLN B 349 -36.59 19.79 19.83
C GLN B 349 -35.91 18.42 19.84
N LEU B 350 -34.95 18.26 20.73
CA LEU B 350 -34.23 17.00 20.93
C LEU B 350 -35.07 15.87 21.50
N MET B 351 -36.22 16.20 22.09
CA MET B 351 -37.11 15.23 22.75
C MET B 351 -38.23 14.69 21.87
N THR B 352 -38.75 15.53 20.97
CA THR B 352 -39.85 15.12 20.11
C THR B 352 -39.44 13.94 19.22
N GLY B 353 -40.44 13.14 18.88
CA GLY B 353 -40.26 11.91 18.15
C GLY B 353 -39.97 10.76 19.09
N GLY B 354 -40.74 10.68 20.18
CA GLY B 354 -40.67 9.58 21.16
C GLY B 354 -39.36 9.42 21.90
N ARG B 355 -38.59 10.51 22.01
CA ARG B 355 -37.26 10.52 22.66
C ARG B 355 -37.27 11.46 23.86
N GLU B 356 -38.21 11.20 24.77
CA GLU B 356 -38.33 11.96 26.01
C GLU B 356 -37.26 11.50 27.00
N GLY B 357 -36.73 10.29 26.80
CA GLY B 357 -35.56 9.77 27.50
C GLY B 357 -34.34 10.69 27.60
N LEU B 358 -34.17 11.59 26.61
CA LEU B 358 -33.03 12.55 26.58
C LEU B 358 -33.33 13.91 27.24
N GLN B 359 -34.20 13.89 28.23
CA GLN B 359 -34.57 15.07 29.02
C GLN B 359 -33.32 15.84 29.58
N PRO B 360 -32.34 15.13 30.21
CA PRO B 360 -31.16 15.78 30.82
C PRO B 360 -30.13 16.44 29.89
N LEU B 361 -30.23 16.22 28.57
CA LEU B 361 -29.39 16.95 27.61
C LEU B 361 -29.93 18.32 27.22
N VAL B 362 -31.14 18.66 27.68
CA VAL B 362 -31.79 19.93 27.35
C VAL B 362 -31.11 21.11 28.08
N PHE B 363 -31.04 22.25 27.40
CA PHE B 363 -30.45 23.48 27.91
C PHE B 363 -31.31 24.64 27.46
N ASN B 364 -31.96 25.29 28.41
CA ASN B 364 -32.69 26.53 28.14
C ASN B 364 -31.65 27.56 28.58
N PRO B 365 -31.32 28.55 27.73
CA PRO B 365 -30.29 29.49 28.12
C PRO B 365 -30.75 30.48 29.18
N ASP B 366 -29.85 30.83 30.10
CA ASP B 366 -30.13 31.83 31.12
C ASP B 366 -30.19 33.23 30.49
N THR B 367 -30.92 34.11 31.16
CA THR B 367 -31.07 35.52 30.82
C THR B 367 -29.75 36.24 30.49
N GLY B 368 -28.71 35.94 31.25
CA GLY B 368 -27.42 36.60 31.11
C GLY B 368 -26.84 36.36 29.74
N LEU B 369 -27.01 35.13 29.26
CA LEU B 369 -26.60 34.74 27.91
C LEU B 369 -27.43 35.45 26.84
N GLN B 370 -28.77 35.33 26.93
CA GLN B 370 -29.68 35.95 25.95
C GLN B 370 -29.37 37.42 25.72
N SER B 371 -29.15 38.16 26.80
CA SER B 371 -28.69 39.54 26.67
C SER B 371 -27.37 39.63 25.90
N GLU B 372 -26.43 38.70 26.16
CA GLU B 372 -25.10 38.71 25.51
C GLU B 372 -25.11 38.23 24.04
N LEU B 373 -26.07 37.36 23.69
CA LEU B 373 -26.37 37.02 22.29
C LEU B 373 -26.89 38.25 21.54
N LEU B 374 -28.05 38.73 21.98
CA LEU B 374 -28.62 40.02 21.54
C LEU B 374 -27.58 41.15 21.39
N SER B 375 -26.86 41.44 22.48
CA SER B 375 -25.77 42.44 22.50
C SER B 375 -24.80 42.27 21.32
N PHE B 376 -24.48 41.02 21.02
CA PHE B 376 -23.60 40.67 19.90
C PHE B 376 -24.22 41.01 18.52
N VAL B 377 -25.49 40.65 18.34
CA VAL B 377 -26.25 40.94 17.12
C VAL B 377 -26.28 42.44 16.78
N MET B 378 -26.63 43.27 17.77
CA MET B 378 -26.67 44.72 17.57
C MET B 378 -25.32 45.24 17.15
N ASP B 379 -24.29 44.77 17.82
CA ASP B 379 -22.93 45.28 17.58
C ASP B 379 -22.34 44.87 16.22
N HIS B 380 -22.80 43.75 15.65
CA HIS B 380 -22.20 43.18 14.41
C HIS B 380 -23.08 43.07 13.19
N VAL B 381 -24.40 43.01 13.40
CA VAL B 381 -25.37 42.96 12.32
C VAL B 381 -25.73 44.38 11.86
N PHE B 382 -26.08 45.27 12.78
CA PHE B 382 -26.71 46.56 12.47
C PHE B 382 -25.71 47.76 12.45
N ILE B 383 -25.28 48.17 11.25
CA ILE B 383 -24.12 49.08 11.01
C ILE B 383 -24.37 50.15 9.90
N ASP B 384 -23.52 51.19 9.85
CA ASP B 384 -23.52 52.24 8.79
C ASP B 384 -23.79 51.72 7.39
N ASP B 398 -13.97 48.45 -5.20
CA ASP B 398 -14.51 47.12 -5.47
C ASP B 398 -15.91 46.92 -4.87
N GLU B 399 -16.91 46.93 -5.76
CA GLU B 399 -18.32 46.71 -5.41
C GLU B 399 -18.68 45.24 -5.06
N ALA B 400 -17.74 44.30 -5.22
CA ALA B 400 -17.93 42.88 -4.84
C ALA B 400 -17.29 42.48 -3.48
N ASN B 401 -16.58 43.40 -2.83
CA ASN B 401 -15.97 43.12 -1.53
C ASN B 401 -16.99 43.06 -0.40
N LYS B 402 -17.99 43.94 -0.47
CA LYS B 402 -18.91 44.19 0.65
C LYS B 402 -20.13 43.26 0.60
N ILE B 403 -20.40 42.65 -0.56
CA ILE B 403 -21.37 41.55 -0.67
C ILE B 403 -20.83 40.30 0.03
N GLU B 404 -19.51 40.18 0.15
CA GLU B 404 -18.92 39.15 1.00
C GLU B 404 -19.54 39.24 2.40
N ALA B 405 -19.38 40.40 3.04
CA ALA B 405 -19.75 40.57 4.46
C ALA B 405 -21.27 40.63 4.73
N LEU B 406 -22.05 41.10 3.75
CA LEU B 406 -23.51 41.11 3.87
C LEU B 406 -24.08 39.71 4.07
N HIS B 407 -23.62 38.72 3.30
CA HIS B 407 -24.03 37.30 3.49
C HIS B 407 -23.58 36.73 4.83
N LYS B 408 -22.47 37.24 5.34
CA LYS B 408 -21.98 36.85 6.66
C LYS B 408 -22.91 37.35 7.77
N ARG B 409 -23.23 38.63 7.71
CA ARG B 409 -24.11 39.24 8.73
C ARG B 409 -25.49 38.59 8.69
N ARG B 410 -26.02 38.44 7.49
CA ARG B 410 -27.26 37.72 7.26
C ARG B 410 -27.29 36.32 7.92
N ASN B 411 -26.18 35.60 7.84
CA ASN B 411 -26.05 34.27 8.48
C ASN B 411 -26.12 34.32 10.01
N LEU B 412 -25.52 35.38 10.56
CA LEU B 412 -25.54 35.62 12.00
C LEU B 412 -26.97 35.87 12.45
N LEU B 413 -27.61 36.84 11.81
CA LEU B 413 -28.99 37.18 12.08
C LEU B 413 -29.91 35.97 11.99
N ALA B 414 -29.85 35.26 10.89
CA ALA B 414 -30.72 34.10 10.67
C ALA B 414 -30.46 32.98 11.68
N ALA B 415 -29.25 32.92 12.23
CA ALA B 415 -28.98 31.98 13.32
C ALA B 415 -29.68 32.42 14.60
N PHE B 416 -29.55 33.70 14.98
CA PHE B 416 -30.27 34.25 16.16
C PHE B 416 -31.79 34.06 16.03
N SER B 417 -32.31 34.42 14.85
CA SER B 417 -33.73 34.29 14.47
C SER B 417 -34.31 32.93 14.70
N LYS B 418 -33.57 31.90 14.30
CA LYS B 418 -34.03 30.52 14.47
C LYS B 418 -34.35 30.23 15.95
N LEU B 419 -33.56 30.80 16.88
CA LEU B 419 -33.79 30.64 18.32
C LEU B 419 -35.11 31.26 18.75
N ILE B 420 -35.41 32.43 18.20
CA ILE B 420 -36.69 33.15 18.40
C ILE B 420 -37.91 32.39 17.86
N ILE B 421 -37.83 31.94 16.60
CA ILE B 421 -38.89 31.13 15.99
C ILE B 421 -39.12 29.81 16.72
N TYR B 422 -38.14 29.28 17.44
CA TYR B 422 -38.29 27.97 18.11
C TYR B 422 -38.52 28.03 19.64
N ASP B 423 -38.88 29.21 20.17
CA ASP B 423 -39.34 29.36 21.57
C ASP B 423 -38.17 29.17 22.56
N ILE B 424 -37.05 29.84 22.26
CA ILE B 424 -35.76 29.56 22.92
C ILE B 424 -35.11 30.82 23.48
N VAL B 425 -35.13 31.88 22.70
CA VAL B 425 -34.82 33.21 23.19
C VAL B 425 -36.14 33.95 23.21
N ASP B 426 -36.26 35.00 24.02
CA ASP B 426 -37.52 35.75 24.13
C ASP B 426 -37.56 37.01 23.26
N MET B 427 -38.67 37.20 22.56
CA MET B 427 -38.78 38.25 21.56
C MET B 427 -38.81 39.67 22.13
N HIS B 428 -39.25 39.83 23.39
CA HIS B 428 -39.35 41.17 24.02
C HIS B 428 -37.99 41.66 24.54
N ALA B 429 -37.18 40.73 25.05
CA ALA B 429 -35.77 41.00 25.30
C ALA B 429 -35.10 41.21 23.95
N ALA B 430 -35.43 40.35 22.98
CA ALA B 430 -34.88 40.40 21.62
C ALA B 430 -35.47 41.47 20.67
N ALA B 431 -36.29 42.38 21.20
CA ALA B 431 -36.89 43.42 20.38
C ALA B 431 -35.89 44.48 19.93
N ASP B 432 -34.74 44.61 20.61
CA ASP B 432 -33.68 45.58 20.21
C ASP B 432 -33.34 45.63 18.70
N ILE B 433 -33.53 44.51 17.97
CA ILE B 433 -33.23 44.39 16.52
C ILE B 433 -34.25 45.02 15.51
N PHE B 434 -35.55 44.85 15.81
CA PHE B 434 -36.71 45.26 14.93
C PHE B 434 -36.93 46.76 14.93
N LYS B 435 -36.51 47.43 16.01
CA LYS B 435 -36.33 48.91 16.07
C LYS B 435 -35.77 49.48 14.76
N HIS B 436 -34.72 48.83 14.23
CA HIS B 436 -34.20 49.10 12.88
C HIS B 436 -34.59 47.92 11.92
N TYR B 437 -35.87 47.89 11.49
CA TYR B 437 -36.40 46.92 10.52
C TYR B 437 -36.63 47.58 9.16
N MET B 438 -37.33 48.71 9.18
CA MET B 438 -37.50 49.53 7.99
C MET B 438 -36.16 50.08 7.52
N LYS B 439 -35.30 50.49 8.47
CA LYS B 439 -34.00 51.08 8.13
C LYS B 439 -33.17 50.11 7.29
N TYR B 440 -33.23 48.81 7.63
CA TYR B 440 -32.60 47.78 6.83
C TYR B 440 -33.62 46.77 6.31
N TYR B 441 -34.62 47.22 5.55
CA TYR B 441 -35.49 46.26 4.84
C TYR B 441 -34.72 45.64 3.64
N ASN B 442 -33.84 46.42 2.98
CA ASN B 442 -32.97 45.88 1.93
C ASN B 442 -32.12 44.70 2.40
N ASP B 443 -31.30 44.95 3.41
CA ASP B 443 -30.27 44.00 3.85
C ASP B 443 -30.87 42.81 4.55
N TYR B 444 -31.76 43.07 5.52
CA TYR B 444 -32.29 42.01 6.40
C TYR B 444 -33.78 41.72 6.27
N GLY B 445 -34.55 42.73 5.81
CA GLY B 445 -35.98 42.63 5.63
C GLY B 445 -36.58 41.25 5.53
N ASP B 446 -36.09 40.43 4.60
CA ASP B 446 -36.68 39.10 4.41
C ASP B 446 -36.55 38.23 5.69
N ILE B 447 -35.43 38.37 6.42
CA ILE B 447 -35.16 37.58 7.62
C ILE B 447 -35.98 38.09 8.81
N ILE B 448 -36.01 39.39 8.98
CA ILE B 448 -36.82 39.98 10.03
C ILE B 448 -38.30 39.70 9.78
N LYS B 449 -38.79 39.99 8.58
CA LYS B 449 -40.22 39.76 8.26
C LYS B 449 -40.62 38.26 8.40
N GLU B 450 -39.71 37.33 8.10
CA GLU B 450 -39.95 35.86 8.28
C GLU B 450 -40.00 35.42 9.75
N THR B 451 -39.41 36.23 10.63
CA THR B 451 -39.41 36.00 12.09
C THR B 451 -40.66 36.63 12.72
N LEU B 452 -40.86 37.92 12.47
CA LEU B 452 -42.08 38.63 12.91
C LEU B 452 -43.31 38.00 12.27
N SER B 453 -43.15 37.34 11.14
CA SER B 453 -44.22 36.50 10.58
C SER B 453 -44.61 35.39 11.55
N LYS B 454 -43.77 34.36 11.68
CA LYS B 454 -44.25 33.08 12.25
C LYS B 454 -44.46 33.02 13.79
N THR B 455 -43.77 33.87 14.56
CA THR B 455 -44.01 33.95 16.02
C THR B 455 -45.25 34.80 16.34
#